data_8YGR
#
_entry.id   8YGR
#
_cell.length_a   1.00
_cell.length_b   1.00
_cell.length_c   1.00
_cell.angle_alpha   90.00
_cell.angle_beta   90.00
_cell.angle_gamma   90.00
#
_symmetry.space_group_name_H-M   'P 1'
#
loop_
_entity.id
_entity.type
_entity.pdbx_description
1 polymer 'Outer capsid protein VP4'
2 polymer 'Outer capsid protein VP4'
3 polymer 'Outer capsid protein VP4'
#
loop_
_entity_poly.entity_id
_entity_poly.type
_entity_poly.pdbx_seq_one_letter_code
_entity_poly.pdbx_strand_id
1 'polypeptide(L)'
;GYKMASLIYRQLLTNSYTVDLSDEIQEIGSTKSQNVTINPGPFAQTGYAPVNWGPGEINDSTTVEPLLDGPYQPTTFNPP
VDYWMLLAPTTPGVIVEGTNNTDRWLATILIEPNVQSENRTYTIFGIQEQLTVSNTSQDQWKFIDVVKTTANGSIGQYGP
LLSSPKLYAVMKHNEKLYTYEGQTPNARTAHYSTTNYDSVNMTAFCDFYIIPRSEESKCTEYINNGLPPIQNTRNVVPLS
LTARDVIHYRAQANEDIVISKTSLWKEMQYNRDITIRFKFANTIIKSGGLGYKWSEISFKPANYQYTYTRDGEEVTAHTT
CSVNGVNDFSFNGGSLPTDFVVSKFEVIKENSYVYIDYWDDSQAFRNVVYVRSLAANLNSVMCTGGSYNFSLPVGQWPVL
TGGAVSLHSAGVTLSTQFTDFVSLNSLRFRFRLAVEEPHFKLTRTRLSRLYGLPAANPNNGKEYYEIAGRFSLISLVPSN
HDYQTPIANSVTVRQDLERQLGELREEFNALSQEIAMSQLIDLALLPLDMFSMFSGIKSTIDAAKSMATNVMKKFKKSGL
ANSVSTLTDSLSDAASSISRG
;
A
2 'polypeptide(L)'
;GYKMASLIYRQLLTNSYTVDLSDEIQEIGSTKSQNVTINPGPFAQTGYAPVNWGPGEINDSTTVEPLLDGPYQPTTFNPP
VDYWMLLAPTTPGVIVEGTNNTDRWLATILIEPNVQSENRTYTIFGIQEQLTVSNTSQDQWKFIDVVKTTANGSIGQYGP
LLSSPKLYAVMKHNEKLYTYEGQTPNARTAHYSTTNYDSVNMTAFCDFYIIPRSEESKCTEYINNGLPPIQNTRNVVPLS
LTARDVIHYRAQVNEDIVISKTSLWKEMQYNRDITIRFKFANTIIKSGGLGYKWSEISFKPANYQYTYTRDGEEVTAHTT
CSVNGVNDFSFNGGSLPTDFVVSKFEVIKENSYVYIDYWDDSQAFRNVVYVRSLAANLNSVMCTGGSYNFSLPVGQWPVL
TGGAVSLHSAGVTLSTQFTDFVSLNSLRFRFRLAVEEPHFKLTRTRLSRLYGLPAANPNNGKEYYEIAGRFSLISLVPSN
HDYQTPIANSVTVRQDLERQLGELREEFNALSQEIAMSQLIDLALLPLDMFSMFSGIKSTIDAAKSMATNVMKKFKKSGL
ANSVSTLTDSLSDAASSISRG
;
B
3 'polypeptide(L)'
;GYKMASLIYRQLLTNSYTVDLSDEIQEIGSTKSQNVTINPGPFAQTGYAPVNWGPGEINDSTTVEPLLDGPYQPTTFNPP
VDYWMLLAPTTPGVIVEGTNNTDRWLATILIEPNVQSENRTYTIFGIQEQLTVSNTSQDQWKFIDVAKTTANGSIEQYGP
LLSSPKLYAVMKHNKKLYTYEGQTPNARTGHYSTTNYDSVNMTAFCDFYIIPRSEESKCTEYINNGLPPIQNTRNVVPLS
LTARDVIHYRAQANEDIVISKTSLWKEMQYNRDITIRFKFANTIIKSGGLGYKWSEISFKPANYQYTYTRDGEEVTAHTT
CSVNGVNDFSFNGGSLPTDFVVSKFEVIKENSYVYIDYWDDSQAFRNVVYVRSLAANLNSVMCTGGSYNFSLPVGQWPVL
TGGAVSLHSAGVTLSTQFTDFVSLNSLRFRFRLAVEEPHFKLTRTRLSRLYGLPAANPNNGKEYYEIAGRFSLISLVPSN
HDYQTPIANSVTVRQDLERQLGELREEFNALSQEIAMSQLIDLALLPLDMFSMFSGIKSTIDAAKSMATNVMKKFKKSGL
ANSVSTLTDSLSDAASSISRG
;
C
#
# COMPACT_ATOMS: atom_id res chain seq x y z
N ASN A 35 -18.74 -6.96 37.54
CA ASN A 35 -18.45 -6.49 36.21
C ASN A 35 -19.71 -6.12 35.49
N VAL A 36 -19.63 -5.32 34.44
CA VAL A 36 -20.77 -4.93 33.63
C VAL A 36 -20.21 -5.13 32.28
N THR A 37 -21.03 -5.43 31.29
CA THR A 37 -20.56 -5.69 29.94
C THR A 37 -21.40 -4.85 29.01
N ILE A 38 -20.80 -4.05 28.12
CA ILE A 38 -21.60 -3.32 27.14
C ILE A 38 -21.70 -4.23 25.95
N ASN A 39 -22.92 -4.57 25.55
CA ASN A 39 -23.16 -5.51 24.46
C ASN A 39 -22.84 -4.84 23.18
N PRO A 40 -22.44 -5.63 22.14
CA PRO A 40 -22.22 -4.89 20.89
C PRO A 40 -23.49 -4.62 20.10
N GLY A 41 -23.44 -3.72 19.13
CA GLY A 41 -24.60 -3.39 18.32
C GLY A 41 -24.88 -4.40 17.21
N PRO A 42 -26.09 -4.40 16.63
CA PRO A 42 -26.45 -5.39 15.61
C PRO A 42 -25.71 -5.21 14.29
N PHE A 43 -25.52 -3.97 13.85
CA PHE A 43 -24.82 -3.68 12.60
C PHE A 43 -23.33 -3.68 12.88
N ALA A 44 -22.62 -4.73 12.49
CA ALA A 44 -21.22 -4.89 12.84
C ALA A 44 -20.29 -3.93 12.24
N GLN A 45 -19.10 -3.79 12.82
CA GLN A 45 -18.08 -2.94 12.25
C GLN A 45 -17.26 -3.77 11.27
N THR A 46 -16.87 -3.20 10.13
CA THR A 46 -16.10 -3.89 9.12
C THR A 46 -15.29 -2.73 8.65
N GLY A 47 -14.26 -2.94 7.86
CA GLY A 47 -13.52 -1.82 7.34
C GLY A 47 -12.49 -2.20 6.33
N TYR A 48 -11.58 -1.30 6.01
CA TYR A 48 -10.55 -1.54 5.02
C TYR A 48 -9.55 -2.52 5.54
N ALA A 49 -8.75 -3.13 4.68
CA ALA A 49 -7.67 -4.05 5.09
C ALA A 49 -6.37 -3.33 5.14
N PRO A 50 -5.36 -3.89 5.77
CA PRO A 50 -4.15 -3.09 5.85
C PRO A 50 -3.54 -2.68 4.49
N VAL A 51 -2.93 -1.51 4.33
CA VAL A 51 -2.34 -1.07 3.08
C VAL A 51 -1.04 -0.33 3.28
N ASN A 52 0.00 -0.68 2.54
CA ASN A 52 1.27 0.07 2.55
C ASN A 52 1.51 0.57 1.15
N TRP A 53 1.37 1.88 0.91
CA TRP A 53 1.50 2.45 -0.43
C TRP A 53 2.89 2.25 -0.99
N GLY A 54 3.00 2.24 -2.31
CA GLY A 54 4.29 2.05 -2.97
C GLY A 54 4.15 2.45 -4.41
N PRO A 55 5.06 2.02 -5.31
CA PRO A 55 4.91 2.30 -6.74
C PRO A 55 4.21 1.18 -7.50
N GLY A 56 3.77 1.43 -8.74
CA GLY A 56 3.11 0.41 -9.55
C GLY A 56 4.11 -0.48 -10.28
N GLU A 57 3.66 -1.26 -11.25
CA GLU A 57 4.55 -2.11 -12.05
C GLU A 57 5.37 -1.16 -12.89
N ILE A 58 6.61 -1.54 -13.26
CA ILE A 58 7.50 -0.64 -13.99
C ILE A 58 8.12 -1.35 -15.16
N ASN A 59 8.32 -0.64 -16.25
CA ASN A 59 8.94 -1.23 -17.43
C ASN A 59 10.33 -1.71 -17.10
N ASP A 60 10.77 -2.76 -17.76
CA ASP A 60 12.11 -3.31 -17.54
C ASP A 60 12.60 -3.96 -18.81
N SER A 61 13.88 -4.24 -18.85
CA SER A 61 14.49 -4.93 -19.98
C SER A 61 15.90 -5.31 -19.60
N THR A 62 16.52 -6.17 -20.40
CA THR A 62 17.90 -6.55 -20.17
C THR A 62 18.52 -6.88 -21.51
N THR A 63 19.82 -6.62 -21.64
CA THR A 63 20.54 -6.87 -22.87
C THR A 63 21.78 -7.66 -22.60
N VAL A 64 22.25 -8.39 -23.61
CA VAL A 64 23.46 -9.18 -23.48
C VAL A 64 24.31 -9.05 -24.73
N GLU A 65 25.62 -9.23 -24.59
CA GLU A 65 26.54 -9.13 -25.71
C GLU A 65 27.50 -10.30 -25.70
N PRO A 66 27.91 -10.79 -26.88
CA PRO A 66 28.81 -11.92 -26.97
C PRO A 66 30.29 -11.55 -27.00
N ASN A 254 -19.82 -24.22 -7.51
CA ASN A 254 -19.92 -22.84 -7.08
C ASN A 254 -20.51 -22.69 -5.70
N GLU A 255 -20.05 -21.71 -4.93
CA GLU A 255 -20.60 -21.43 -3.60
C GLU A 255 -20.39 -20.01 -3.12
N ASP A 256 -21.22 -19.50 -2.21
CA ASP A 256 -21.04 -18.17 -1.61
C ASP A 256 -21.16 -18.33 -0.12
N ILE A 257 -20.53 -17.47 0.66
CA ILE A 257 -20.60 -17.52 2.12
C ILE A 257 -20.59 -16.09 2.59
N VAL A 258 -20.99 -15.81 3.83
CA VAL A 258 -21.01 -14.44 4.37
C VAL A 258 -19.97 -14.35 5.46
N ILE A 259 -19.10 -13.33 5.42
CA ILE A 259 -18.02 -13.20 6.39
C ILE A 259 -18.45 -12.32 7.56
N SER A 260 -19.00 -11.15 7.29
CA SER A 260 -19.49 -10.23 8.32
C SER A 260 -20.87 -9.76 7.92
N LYS A 261 -21.71 -9.46 8.89
CA LYS A 261 -23.08 -9.12 8.59
C LYS A 261 -23.12 -7.71 8.10
N THR A 262 -24.32 -7.17 7.96
CA THR A 262 -24.47 -5.85 7.40
C THR A 262 -23.63 -4.84 8.14
N SER A 263 -23.17 -3.81 7.44
CA SER A 263 -22.35 -2.77 8.04
C SER A 263 -22.87 -1.47 7.50
N LEU A 264 -22.32 -0.33 7.89
CA LEU A 264 -22.84 0.97 7.47
C LEU A 264 -21.75 1.76 6.78
N TRP A 265 -22.04 2.39 5.65
CA TRP A 265 -21.06 3.16 4.93
C TRP A 265 -21.59 4.47 4.40
N LYS A 266 -20.73 5.38 3.95
CA LYS A 266 -21.12 6.72 3.50
C LYS A 266 -20.31 7.08 2.27
N GLU A 267 -20.70 8.14 1.56
CA GLU A 267 -19.94 8.63 0.40
C GLU A 267 -19.53 10.05 0.67
N MET A 268 -18.34 10.46 0.25
CA MET A 268 -17.82 11.82 0.44
C MET A 268 -17.13 12.34 -0.78
N GLN A 269 -16.72 13.61 -0.74
CA GLN A 269 -15.95 14.23 -1.82
C GLN A 269 -14.91 15.16 -1.23
N TYR A 270 -13.67 14.71 -1.14
CA TYR A 270 -12.60 15.52 -0.64
C TYR A 270 -11.99 16.42 -1.70
N ASN A 271 -11.38 17.51 -1.28
CA ASN A 271 -10.65 18.40 -2.19
C ASN A 271 -9.42 18.91 -1.45
N ARG A 272 -8.28 18.88 -2.16
CA ARG A 272 -7.03 19.31 -1.54
C ARG A 272 -6.02 19.78 -2.58
N ASP A 273 -4.98 20.46 -2.14
CA ASP A 273 -3.94 20.98 -3.02
C ASP A 273 -2.79 19.99 -3.03
N ILE A 274 -2.07 19.92 -4.15
CA ILE A 274 -0.98 18.97 -4.29
C ILE A 274 0.15 19.55 -5.09
N THR A 275 1.38 19.19 -4.73
CA THR A 275 2.58 19.57 -5.47
C THR A 275 3.41 18.31 -5.70
N ILE A 276 3.91 18.12 -6.93
CA ILE A 276 4.64 16.93 -7.31
C ILE A 276 5.97 17.31 -7.90
N ARG A 277 7.00 16.51 -7.62
CA ARG A 277 8.36 16.76 -8.10
C ARG A 277 8.96 15.46 -8.57
N PHE A 278 9.54 15.45 -9.77
CA PHE A 278 10.07 14.24 -10.36
C PHE A 278 11.42 14.41 -11.00
N LYS A 279 12.32 13.43 -10.92
CA LYS A 279 13.61 13.46 -11.62
C LYS A 279 13.63 12.37 -12.65
N PHE A 280 14.19 12.58 -13.83
CA PHE A 280 14.40 11.48 -14.76
C PHE A 280 15.77 10.95 -14.34
N ALA A 281 16.17 9.75 -14.80
CA ALA A 281 17.50 9.19 -14.55
C ALA A 281 17.89 8.29 -15.71
N ASN A 282 19.19 8.05 -15.90
CA ASN A 282 19.63 7.30 -17.07
C ASN A 282 20.74 6.36 -16.81
N THR A 283 20.97 5.45 -17.75
CA THR A 283 22.06 4.49 -17.62
C THR A 283 22.80 4.47 -18.91
N ILE A 284 24.12 4.37 -18.87
CA ILE A 284 24.90 4.24 -20.07
C ILE A 284 25.86 3.12 -19.75
N ILE A 285 26.13 2.25 -20.70
CA ILE A 285 26.97 1.09 -20.50
C ILE A 285 27.86 1.22 -21.69
N LYS A 286 29.05 0.63 -21.68
CA LYS A 286 30.03 0.71 -22.80
C LYS A 286 30.11 -0.64 -23.52
N SER A 287 30.00 -0.65 -24.85
CA SER A 287 30.12 -1.89 -25.66
C SER A 287 31.54 -2.43 -25.52
N GLY A 288 31.70 -3.72 -25.19
CA GLY A 288 33.03 -4.34 -25.04
C GLY A 288 33.83 -4.22 -26.32
N GLY A 289 35.02 -3.59 -26.27
CA GLY A 289 35.88 -3.40 -27.45
C GLY A 289 36.94 -2.34 -27.22
N LEU A 290 37.38 -1.68 -28.30
CA LEU A 290 38.44 -0.63 -28.23
C LEU A 290 37.97 0.56 -27.39
N GLY A 291 36.65 0.91 -27.39
CA GLY A 291 36.08 2.12 -26.74
C GLY A 291 35.43 3.15 -27.63
N TYR A 292 35.45 2.96 -28.92
CA TYR A 292 34.78 3.85 -29.83
C TYR A 292 33.34 3.38 -30.00
N LYS A 293 32.98 2.21 -29.47
CA LYS A 293 31.63 1.66 -29.60
C LYS A 293 30.83 1.85 -28.35
N TRP A 294 29.51 1.78 -28.47
CA TRP A 294 28.65 1.96 -27.33
C TRP A 294 27.60 0.90 -27.38
N SER A 295 26.94 0.63 -26.25
CA SER A 295 25.93 -0.42 -26.16
C SER A 295 24.52 0.12 -26.03
N GLU A 296 24.27 0.94 -25.04
CA GLU A 296 22.92 1.44 -24.81
C GLU A 296 22.90 2.71 -24.01
N ILE A 297 22.02 3.66 -24.31
CA ILE A 297 21.86 4.84 -23.48
C ILE A 297 20.34 4.88 -23.35
N SER A 298 19.82 4.73 -22.13
CA SER A 298 18.39 4.71 -21.91
C SER A 298 17.85 5.15 -20.56
N PHE A 299 16.54 5.29 -20.45
CA PHE A 299 15.89 5.77 -19.22
C PHE A 299 15.94 4.74 -18.11
N LYS A 300 15.82 5.21 -16.87
CA LYS A 300 15.84 4.34 -15.72
C LYS A 300 14.89 4.89 -14.68
N PRO A 301 14.16 4.00 -13.98
CA PRO A 301 13.28 4.46 -12.94
C PRO A 301 13.99 5.37 -11.96
N ALA A 302 13.34 6.44 -11.54
CA ALA A 302 13.91 7.38 -10.61
C ALA A 302 12.99 7.61 -9.43
N ASN A 303 13.55 7.99 -8.29
CA ASN A 303 12.76 8.23 -7.08
C ASN A 303 13.18 9.49 -6.40
N TYR A 304 12.27 10.11 -5.67
CA TYR A 304 12.57 11.35 -5.00
C TYR A 304 11.77 11.40 -3.73
N GLN A 305 12.20 12.19 -2.76
CA GLN A 305 11.54 12.31 -1.46
C GLN A 305 11.55 13.78 -1.16
N TYR A 306 10.52 14.30 -0.50
CA TYR A 306 10.49 15.70 -0.15
C TYR A 306 9.37 16.02 0.79
N THR A 307 9.23 17.32 1.10
CA THR A 307 8.20 17.81 2.00
C THR A 307 7.71 19.16 1.53
N TYR A 308 6.41 19.40 1.67
CA TYR A 308 5.84 20.68 1.29
C TYR A 308 4.64 20.98 2.15
N THR A 309 4.25 22.25 2.20
CA THR A 309 3.19 22.67 3.10
C THR A 309 1.90 22.91 2.38
N ARG A 310 0.87 22.14 2.72
CA ARG A 310 -0.47 22.38 2.23
C ARG A 310 -1.06 23.47 3.11
N ASP A 311 -2.19 24.02 2.67
CA ASP A 311 -2.74 25.19 3.36
C ASP A 311 -2.83 24.95 4.85
N GLY A 312 -3.01 23.72 5.27
CA GLY A 312 -3.03 23.43 6.69
C GLY A 312 -1.73 23.16 7.35
N GLU A 313 -0.90 22.30 6.79
CA GLU A 313 0.31 21.87 7.49
C GLU A 313 1.28 21.21 6.54
N GLU A 314 2.45 20.84 7.05
CA GLU A 314 3.43 20.14 6.24
C GLU A 314 3.03 18.73 5.92
N VAL A 315 3.56 18.19 4.83
CA VAL A 315 3.33 16.80 4.46
C VAL A 315 4.57 16.31 3.74
N THR A 316 4.97 15.07 4.03
CA THR A 316 6.11 14.45 3.36
C THR A 316 5.59 13.54 2.28
N ALA A 317 6.27 13.45 1.14
CA ALA A 317 5.77 12.69 0.02
C ALA A 317 6.93 12.02 -0.61
N HIS A 318 6.65 11.15 -1.55
CA HIS A 318 7.68 10.43 -2.24
C HIS A 318 7.19 10.16 -3.63
N THR A 319 8.03 10.27 -4.66
CA THR A 319 7.60 10.13 -6.03
C THR A 319 8.45 9.13 -6.80
N THR A 320 7.90 8.37 -7.75
CA THR A 320 8.67 7.49 -8.61
C THR A 320 8.29 7.79 -10.04
N CYS A 321 9.28 8.03 -10.89
CA CYS A 321 9.08 8.35 -12.29
C CYS A 321 9.61 7.28 -13.17
N SER A 322 8.80 6.82 -14.12
CA SER A 322 9.17 5.84 -15.11
C SER A 322 8.78 6.39 -16.45
N VAL A 323 8.88 5.58 -17.49
CA VAL A 323 8.46 6.00 -18.81
C VAL A 323 8.09 4.82 -19.68
N ASN A 324 7.35 5.07 -20.75
CA ASN A 324 6.89 4.03 -21.67
C ASN A 324 6.64 4.65 -23.01
N GLY A 325 6.27 3.84 -23.99
CA GLY A 325 6.10 4.32 -25.34
C GLY A 325 7.36 4.89 -25.90
N VAL A 326 8.51 4.35 -25.53
CA VAL A 326 9.77 4.90 -25.94
C VAL A 326 10.00 4.72 -27.40
N ASN A 327 10.82 5.56 -28.01
CA ASN A 327 11.30 5.35 -29.36
C ASN A 327 12.82 5.21 -29.26
N ASP A 328 13.41 4.48 -30.20
CA ASP A 328 14.85 4.23 -30.18
C ASP A 328 15.52 4.59 -31.49
N PHE A 329 16.80 4.91 -31.50
CA PHE A 329 17.48 5.36 -32.70
C PHE A 329 18.87 4.78 -32.62
N SER A 330 19.70 4.99 -33.64
CA SER A 330 21.06 4.48 -33.64
C SER A 330 21.88 5.21 -34.65
N PHE A 331 23.18 5.06 -34.62
CA PHE A 331 24.03 5.62 -35.66
C PHE A 331 25.00 4.55 -35.95
N ASN A 332 25.41 4.42 -37.20
CA ASN A 332 26.30 3.37 -37.61
C ASN A 332 27.12 3.99 -38.69
N GLY A 333 28.22 4.62 -38.31
CA GLY A 333 29.10 5.25 -39.27
C GLY A 333 30.08 4.23 -39.81
N GLY A 334 29.57 3.18 -40.47
CA GLY A 334 30.41 2.16 -41.07
C GLY A 334 30.88 1.09 -40.09
N SER A 335 31.88 0.31 -40.46
CA SER A 335 32.43 -0.71 -39.58
C SER A 335 33.93 -0.77 -39.77
N LEU A 336 34.69 -0.18 -38.86
CA LEU A 336 36.15 -0.20 -38.92
C LEU A 336 36.47 -0.40 -37.46
N PRO A 337 37.66 -0.87 -37.12
CA PRO A 337 37.86 -1.17 -35.70
C PRO A 337 37.69 0.02 -34.84
N THR A 338 38.09 1.20 -35.29
CA THR A 338 38.05 2.40 -34.47
C THR A 338 36.89 3.36 -34.71
N ASP A 339 35.87 2.94 -35.45
CA ASP A 339 34.75 3.83 -35.78
C ASP A 339 33.76 4.13 -34.64
N PHE A 340 33.02 5.24 -34.72
CA PHE A 340 32.03 5.62 -33.71
C PHE A 340 30.72 4.97 -34.05
N VAL A 341 30.17 4.20 -33.09
CA VAL A 341 28.87 3.52 -33.25
C VAL A 341 28.08 3.68 -31.97
N VAL A 342 26.77 3.83 -32.09
CA VAL A 342 25.88 3.94 -30.93
C VAL A 342 24.65 3.13 -31.29
N SER A 343 24.47 1.97 -30.67
CA SER A 343 23.38 1.09 -31.01
C SER A 343 21.97 1.37 -30.56
N LYS A 344 21.75 1.78 -29.33
CA LYS A 344 20.42 2.18 -28.93
C LYS A 344 20.48 3.45 -28.13
N PHE A 345 19.88 4.56 -28.60
CA PHE A 345 19.80 5.80 -27.81
C PHE A 345 18.34 6.12 -27.83
N GLU A 346 17.70 6.17 -26.68
CA GLU A 346 16.25 6.30 -26.63
C GLU A 346 15.79 7.73 -26.55
N VAL A 347 14.64 8.00 -27.17
CA VAL A 347 14.06 9.33 -27.18
C VAL A 347 12.56 9.26 -26.95
N ILE A 348 11.98 10.36 -26.48
CA ILE A 348 10.57 10.46 -26.20
C ILE A 348 9.92 11.28 -27.33
N LYS A 349 8.71 10.95 -27.73
CA LYS A 349 8.09 11.64 -28.86
C LYS A 349 6.59 11.58 -28.70
N GLU A 350 5.82 11.87 -29.75
CA GLU A 350 4.37 11.93 -29.62
C GLU A 350 3.78 10.64 -29.13
N ASN A 351 4.33 9.53 -29.57
CA ASN A 351 3.82 8.24 -29.16
C ASN A 351 4.43 7.86 -27.83
N SER A 352 4.25 8.65 -26.78
CA SER A 352 4.90 8.33 -25.52
C SER A 352 4.14 8.83 -24.35
N TYR A 353 4.37 8.24 -23.18
CA TYR A 353 3.67 8.64 -21.99
C TYR A 353 4.69 8.76 -20.86
N VAL A 354 4.44 9.57 -19.81
CA VAL A 354 5.36 9.73 -18.66
C VAL A 354 4.64 9.47 -17.33
N TYR A 355 4.64 8.25 -16.83
CA TYR A 355 3.95 7.92 -15.60
C TYR A 355 4.61 8.54 -14.41
N ILE A 356 3.85 8.82 -13.36
CA ILE A 356 4.38 9.30 -12.08
C ILE A 356 3.58 8.65 -10.96
N ASP A 357 4.24 8.22 -9.88
CA ASP A 357 3.59 7.61 -8.71
C ASP A 357 3.75 8.49 -7.52
N TYR A 358 2.70 8.61 -6.68
CA TYR A 358 2.68 9.55 -5.53
C TYR A 358 2.31 8.84 -4.21
N TRP A 359 3.25 8.29 -3.44
CA TRP A 359 2.89 7.71 -2.12
C TRP A 359 2.98 8.82 -1.07
N ASP A 360 1.96 9.03 -0.22
CA ASP A 360 1.91 10.20 0.73
C ASP A 360 1.58 9.93 2.17
N ASP A 361 1.91 10.87 3.06
CA ASP A 361 1.56 10.75 4.49
C ASP A 361 0.37 11.59 4.86
N SER A 362 -0.23 12.25 3.89
CA SER A 362 -1.35 13.15 4.16
C SER A 362 -2.54 12.40 4.71
N GLN A 363 -3.35 13.06 5.52
CA GLN A 363 -4.47 12.38 6.14
C GLN A 363 -5.49 11.88 5.12
N ALA A 364 -5.56 12.50 3.95
CA ALA A 364 -6.56 12.12 2.96
C ALA A 364 -6.33 10.74 2.39
N PHE A 365 -5.07 10.38 2.20
CA PHE A 365 -4.77 9.12 1.56
C PHE A 365 -5.26 7.92 2.31
N ARG A 366 -5.72 8.06 3.55
CA ARG A 366 -6.30 6.91 4.24
C ARG A 366 -7.53 6.40 3.55
N ASN A 367 -8.46 7.28 3.18
CA ASN A 367 -9.73 6.87 2.56
C ASN A 367 -9.62 6.91 1.04
N VAL A 368 -8.60 6.28 0.47
CA VAL A 368 -8.40 6.21 -0.98
C VAL A 368 -8.18 4.75 -1.34
N VAL A 369 -8.85 3.81 -0.65
CA VAL A 369 -8.79 2.42 -1.06
C VAL A 369 -9.97 2.07 -1.93
N TYR A 370 -11.17 2.40 -1.51
CA TYR A 370 -12.34 2.15 -2.32
C TYR A 370 -12.68 3.47 -2.99
N VAL A 371 -12.29 3.72 -4.24
CA VAL A 371 -12.52 5.00 -4.88
C VAL A 371 -13.43 4.97 -6.06
N ARG A 372 -14.55 5.69 -6.04
CA ARG A 372 -15.45 5.81 -7.21
C ARG A 372 -14.90 6.64 -8.30
N SER A 373 -14.33 7.79 -7.95
CA SER A 373 -13.84 8.73 -8.96
C SER A 373 -12.70 9.66 -8.55
N LEU A 374 -11.90 10.10 -9.50
CA LEU A 374 -10.79 10.97 -9.18
C LEU A 374 -10.60 11.76 -10.39
N ALA A 375 -9.97 12.90 -10.27
CA ALA A 375 -9.72 13.72 -11.40
C ALA A 375 -8.75 14.74 -10.93
N ALA A 376 -8.20 15.52 -11.85
CA ALA A 376 -7.24 16.55 -11.51
C ALA A 376 -7.28 17.67 -12.52
N ASN A 377 -6.81 18.85 -12.12
CA ASN A 377 -6.76 20.02 -12.99
C ASN A 377 -5.33 20.52 -13.16
N LEU A 378 -4.40 19.60 -13.39
CA LEU A 378 -2.98 19.95 -13.48
C LEU A 378 -2.68 20.81 -14.69
N ASN A 379 -1.77 21.76 -14.52
CA ASN A 379 -1.38 22.64 -15.61
C ASN A 379 -0.18 22.05 -16.37
N SER A 380 0.39 22.74 -17.34
CA SER A 380 1.53 22.23 -18.15
C SER A 380 2.96 22.46 -17.61
N VAL A 381 3.96 21.76 -18.16
CA VAL A 381 5.37 21.91 -17.76
C VAL A 381 6.22 21.67 -19.00
N MET A 382 7.43 22.25 -19.08
CA MET A 382 8.32 22.11 -20.27
C MET A 382 9.70 21.55 -19.91
N CYS A 383 9.92 20.25 -20.06
CA CYS A 383 11.21 19.62 -19.72
C CYS A 383 12.24 19.92 -20.80
N THR A 384 13.52 20.18 -20.44
CA THR A 384 14.59 20.51 -21.39
C THR A 384 15.80 19.66 -21.17
N GLY A 385 16.52 19.37 -22.24
CA GLY A 385 17.65 18.47 -22.21
C GLY A 385 18.97 19.18 -22.11
N GLY A 386 19.98 18.48 -21.62
CA GLY A 386 21.29 19.06 -21.42
C GLY A 386 22.26 18.73 -22.53
N SER A 387 23.51 18.44 -22.15
CA SER A 387 24.54 18.06 -23.10
C SER A 387 25.34 16.90 -22.57
N TYR A 388 25.75 15.96 -23.43
CA TYR A 388 26.62 14.85 -23.04
C TYR A 388 27.83 14.89 -23.95
N ASN A 389 29.00 14.47 -23.45
CA ASN A 389 30.22 14.40 -24.23
C ASN A 389 30.75 12.97 -24.18
N PHE A 390 30.92 12.36 -25.34
CA PHE A 390 31.39 10.99 -25.41
C PHE A 390 32.89 10.91 -25.22
N SER A 391 33.36 9.83 -24.60
CA SER A 391 34.77 9.67 -24.27
C SER A 391 35.56 8.88 -25.29
N LEU A 392 35.89 9.51 -26.40
CA LEU A 392 36.69 8.85 -27.44
C LEU A 392 38.16 8.81 -27.01
N PRO A 393 38.91 7.80 -27.42
CA PRO A 393 40.34 7.79 -27.11
C PRO A 393 41.18 8.77 -27.89
N VAL A 394 40.95 8.88 -29.20
CA VAL A 394 41.74 9.76 -30.07
C VAL A 394 40.83 10.46 -31.04
N GLY A 395 40.76 11.79 -30.96
CA GLY A 395 39.92 12.57 -31.86
C GLY A 395 38.97 13.51 -31.16
N GLN A 396 38.22 14.26 -31.95
CA GLN A 396 37.27 15.22 -31.38
C GLN A 396 36.16 14.49 -30.68
N TRP A 397 35.76 15.00 -29.51
CA TRP A 397 34.72 14.35 -28.77
C TRP A 397 33.37 14.77 -29.33
N PRO A 398 32.57 13.84 -29.85
CA PRO A 398 31.21 14.19 -30.28
C PRO A 398 30.27 14.30 -29.12
N VAL A 399 29.22 15.06 -29.31
CA VAL A 399 28.36 15.35 -28.22
C VAL A 399 26.93 15.34 -28.62
N LEU A 400 26.03 15.20 -27.61
CA LEU A 400 24.60 15.18 -27.79
C LEU A 400 24.00 16.20 -26.85
N THR A 401 23.40 17.23 -27.42
CA THR A 401 22.83 18.30 -26.63
C THR A 401 21.51 18.73 -27.21
N GLY A 402 20.65 19.25 -26.35
CA GLY A 402 19.38 19.76 -26.79
C GLY A 402 18.21 18.85 -26.63
N GLY A 403 17.05 19.35 -26.96
CA GLY A 403 15.83 18.59 -26.86
C GLY A 403 14.95 19.03 -25.72
N ALA A 404 13.62 18.92 -25.93
CA ALA A 404 12.67 19.30 -24.92
C ALA A 404 11.31 18.80 -25.32
N VAL A 405 10.41 18.55 -24.36
CA VAL A 405 9.06 18.04 -24.65
C VAL A 405 8.05 18.59 -23.66
N SER A 406 6.81 18.82 -24.09
CA SER A 406 5.80 19.40 -23.23
C SER A 406 4.94 18.32 -22.60
N LEU A 407 4.77 18.33 -21.30
CA LEU A 407 4.03 17.27 -20.60
C LEU A 407 2.68 17.85 -20.27
N HIS A 408 1.60 17.12 -20.47
CA HIS A 408 0.24 17.56 -20.15
C HIS A 408 -0.45 16.38 -19.47
N SER A 409 -1.64 16.52 -18.85
CA SER A 409 -2.34 15.43 -18.13
C SER A 409 -3.41 14.79 -18.96
N ALA A 410 -3.57 13.48 -18.80
CA ALA A 410 -4.57 12.72 -19.55
C ALA A 410 -5.40 11.75 -18.72
N GLY A 411 -5.04 11.54 -17.46
CA GLY A 411 -5.75 10.60 -16.63
C GLY A 411 -5.01 10.16 -15.42
N VAL A 412 -5.54 9.14 -14.75
CA VAL A 412 -4.98 8.61 -13.52
C VAL A 412 -5.24 7.12 -13.43
N THR A 413 -4.40 6.38 -12.72
CA THR A 413 -4.55 4.94 -12.56
C THR A 413 -4.32 4.53 -11.12
N LEU A 414 -5.12 3.61 -10.56
CA LEU A 414 -5.00 3.11 -9.18
C LEU A 414 -4.85 1.60 -9.26
N SER A 415 -3.80 1.07 -8.65
CA SER A 415 -3.47 -0.35 -8.76
C SER A 415 -3.36 -0.98 -7.40
N THR A 416 -3.92 -2.19 -7.25
CA THR A 416 -3.82 -2.92 -5.98
C THR A 416 -3.24 -4.30 -6.22
N GLN A 417 -2.31 -4.78 -5.38
CA GLN A 417 -1.69 -6.10 -5.48
C GLN A 417 -2.05 -6.88 -4.24
N PHE A 418 -2.87 -7.93 -4.40
CA PHE A 418 -3.37 -8.71 -3.27
C PHE A 418 -2.50 -9.88 -2.86
N THR A 419 -1.97 -9.86 -1.66
CA THR A 419 -1.16 -10.95 -1.13
C THR A 419 -1.49 -11.25 0.33
N ASP A 420 -1.84 -12.50 0.63
CA ASP A 420 -2.05 -12.92 2.01
C ASP A 420 -3.00 -12.02 2.79
N PHE A 421 -4.22 -11.86 2.32
CA PHE A 421 -5.21 -11.01 2.99
C PHE A 421 -4.58 -9.68 3.31
N VAL A 422 -3.75 -9.15 2.42
CA VAL A 422 -3.15 -7.84 2.57
C VAL A 422 -3.11 -7.18 1.21
N SER A 423 -3.10 -5.86 1.18
CA SER A 423 -3.04 -5.14 -0.06
C SER A 423 -1.93 -4.13 -0.21
N LEU A 424 -1.21 -4.14 -1.34
CA LEU A 424 -0.17 -3.14 -1.67
C LEU A 424 -0.70 -2.37 -2.85
N ASN A 425 -0.73 -1.05 -2.74
CA ASN A 425 -1.38 -0.24 -3.74
C ASN A 425 -0.61 0.96 -4.15
N SER A 426 -0.90 1.51 -5.33
CA SER A 426 -0.24 2.69 -5.85
C SER A 426 -1.14 3.52 -6.70
N LEU A 427 -0.98 4.85 -6.61
CA LEU A 427 -1.74 5.80 -7.43
C LEU A 427 -0.77 6.50 -8.33
N ARG A 428 -1.03 6.48 -9.65
CA ARG A 428 -0.09 7.05 -10.62
C ARG A 428 -0.79 7.87 -11.66
N PHE A 429 -0.21 9.00 -12.02
CA PHE A 429 -0.78 9.85 -13.05
C PHE A 429 -0.26 9.50 -14.41
N ARG A 430 -1.02 9.81 -15.44
CA ARG A 430 -0.60 9.59 -16.82
C ARG A 430 -0.40 10.94 -17.47
N PHE A 431 0.44 11.00 -18.50
CA PHE A 431 0.75 12.26 -19.12
C PHE A 431 0.82 11.97 -20.58
N ARG A 432 0.72 12.96 -21.43
CA ARG A 432 0.83 12.79 -22.87
C ARG A 432 1.80 13.82 -23.22
N LEU A 433 2.61 13.63 -24.25
CA LEU A 433 3.68 14.56 -24.56
C LEU A 433 3.68 15.12 -25.98
N ALA A 434 3.86 16.43 -26.16
CA ALA A 434 3.86 17.09 -27.48
C ALA A 434 5.21 17.76 -27.64
N VAL A 435 5.75 17.94 -28.86
CA VAL A 435 7.14 18.47 -29.01
C VAL A 435 7.35 19.99 -28.90
N GLU A 436 8.61 20.45 -28.81
CA GLU A 436 8.95 21.86 -28.67
C GLU A 436 10.02 22.28 -29.66
N GLU A 437 10.48 23.53 -29.57
CA GLU A 437 11.43 24.05 -30.53
C GLU A 437 12.87 23.57 -30.43
N PRO A 438 13.50 23.63 -29.25
CA PRO A 438 14.94 23.27 -29.24
C PRO A 438 15.17 21.82 -29.60
N HIS A 439 15.81 21.59 -30.75
CA HIS A 439 16.07 20.23 -31.21
C HIS A 439 17.32 19.70 -30.61
N PHE A 440 17.33 18.42 -30.28
CA PHE A 440 18.53 17.76 -29.80
C PHE A 440 19.24 17.42 -31.07
N LYS A 441 20.56 17.23 -31.02
CA LYS A 441 21.29 16.94 -32.21
C LYS A 441 22.50 16.19 -31.87
N LEU A 442 23.05 15.41 -32.86
CA LEU A 442 24.22 14.54 -32.70
C LEU A 442 25.39 15.10 -33.50
N THR A 443 26.47 15.45 -32.82
CA THR A 443 27.61 16.07 -33.49
C THR A 443 28.42 15.05 -34.28
N ARG A 444 29.16 15.50 -35.29
CA ARG A 444 30.03 14.62 -36.09
C ARG A 444 29.32 13.53 -36.85
N THR A 445 28.11 13.79 -37.34
CA THR A 445 27.32 12.76 -37.98
C THR A 445 26.35 13.31 -38.98
N ARG A 446 25.51 12.44 -39.55
CA ARG A 446 24.50 12.82 -40.56
C ARG A 446 23.06 12.69 -40.02
N LEU A 447 22.84 12.87 -38.72
CA LEU A 447 21.47 12.84 -38.16
C LEU A 447 20.74 14.11 -38.57
N SER A 448 19.47 14.01 -38.97
CA SER A 448 18.70 15.13 -39.49
C SER A 448 17.86 15.92 -38.51
N ARG A 449 18.51 16.60 -37.57
CA ARG A 449 17.80 17.55 -36.68
C ARG A 449 16.51 17.00 -36.14
N LEU A 450 16.58 15.91 -35.39
CA LEU A 450 15.40 15.23 -34.90
C LEU A 450 14.78 15.90 -33.69
N TYR A 451 13.45 15.84 -33.58
CA TYR A 451 12.74 16.37 -32.42
C TYR A 451 12.67 15.32 -31.32
N GLY A 452 12.37 15.75 -30.11
CA GLY A 452 12.16 14.81 -29.02
C GLY A 452 13.19 14.91 -27.93
N LEU A 453 12.93 14.25 -26.82
CA LEU A 453 13.83 14.32 -25.68
C LEU A 453 14.72 13.10 -25.61
N PRO A 454 16.05 13.27 -25.58
CA PRO A 454 16.93 12.13 -25.36
C PRO A 454 16.99 11.76 -23.91
N ALA A 455 17.90 10.84 -23.56
CA ALA A 455 18.08 10.39 -22.21
C ALA A 455 19.41 10.68 -21.58
N ALA A 456 20.33 11.29 -22.32
CA ALA A 456 21.67 11.46 -21.75
C ALA A 456 21.72 12.43 -20.58
N ASN A 457 21.22 13.66 -20.75
CA ASN A 457 21.19 14.64 -19.66
C ASN A 457 19.81 15.27 -19.66
N PRO A 458 18.79 14.50 -19.27
CA PRO A 458 17.43 15.04 -19.32
C PRO A 458 17.17 16.13 -18.31
N ASN A 459 17.50 15.90 -17.05
CA ASN A 459 17.15 16.86 -16.01
C ASN A 459 17.90 18.17 -16.17
N ASN A 460 19.06 18.15 -16.80
CA ASN A 460 19.79 19.38 -17.13
C ASN A 460 20.10 20.25 -15.94
N GLY A 461 20.87 19.72 -15.01
CA GLY A 461 21.35 20.55 -13.90
C GLY A 461 20.25 21.20 -13.09
N LYS A 462 19.06 20.59 -13.07
CA LYS A 462 17.97 21.07 -12.25
C LYS A 462 17.72 20.01 -11.20
N GLU A 463 17.56 20.43 -9.95
CA GLU A 463 17.31 19.49 -8.88
C GLU A 463 16.01 18.75 -9.11
N TYR A 464 15.04 19.41 -9.73
CA TYR A 464 13.76 18.79 -9.99
C TYR A 464 12.86 19.70 -10.78
N TYR A 465 11.75 19.16 -11.28
CA TYR A 465 10.70 19.97 -11.88
C TYR A 465 9.56 20.02 -10.86
N GLU A 466 8.58 20.89 -11.10
CA GLU A 466 7.44 21.04 -10.19
C GLU A 466 6.14 21.12 -10.96
N ILE A 467 5.06 20.54 -10.45
CA ILE A 467 3.73 20.65 -11.06
C ILE A 467 2.87 20.80 -9.79
N ALA A 468 1.67 21.38 -9.86
CA ALA A 468 0.74 21.47 -8.72
C ALA A 468 -0.66 21.55 -9.22
N GLY A 469 -1.62 21.42 -8.31
CA GLY A 469 -3.02 21.48 -8.68
C GLY A 469 -3.93 20.95 -7.60
N ARG A 470 -5.17 20.66 -7.97
CA ARG A 470 -6.16 20.14 -7.04
C ARG A 470 -6.84 18.92 -7.64
N PHE A 471 -6.97 17.85 -6.84
CA PHE A 471 -7.65 16.64 -7.29
C PHE A 471 -8.86 16.39 -6.45
N SER A 472 -10.02 16.25 -7.09
CA SER A 472 -11.27 15.98 -6.41
C SER A 472 -11.48 14.48 -6.30
N LEU A 473 -11.60 13.91 -5.10
CA LEU A 473 -11.74 12.45 -4.89
C LEU A 473 -13.05 12.12 -4.23
N ILE A 474 -13.76 11.04 -4.62
CA ILE A 474 -15.02 10.63 -4.00
C ILE A 474 -14.88 9.20 -3.57
N SER A 475 -15.16 8.80 -2.34
CA SER A 475 -14.93 7.42 -1.88
C SER A 475 -15.82 6.94 -0.77
N LEU A 476 -16.02 5.62 -0.64
CA LEU A 476 -16.81 5.08 0.48
C LEU A 476 -15.99 5.16 1.76
N VAL A 477 -16.58 5.50 2.88
CA VAL A 477 -15.83 5.70 4.08
C VAL A 477 -16.58 5.08 5.18
N PRO A 478 -15.88 4.42 6.11
CA PRO A 478 -16.71 3.82 7.12
C PRO A 478 -17.39 4.97 7.77
N SER A 479 -18.69 4.92 7.99
CA SER A 479 -19.37 6.08 8.52
C SER A 479 -19.08 6.15 9.95
N ASN A 480 -18.50 7.25 10.43
CA ASN A 480 -18.25 7.42 11.85
C ASN A 480 -19.55 7.95 12.35
N HIS A 481 -20.59 7.13 12.24
CA HIS A 481 -21.91 7.55 12.59
C HIS A 481 -22.12 7.77 14.07
N ASP A 482 -22.92 8.76 14.44
CA ASP A 482 -23.20 9.05 15.86
C ASP A 482 -24.04 8.08 16.66
N TYR A 483 -24.94 7.34 16.03
CA TYR A 483 -25.90 6.53 16.79
C TYR A 483 -25.44 5.46 17.74
N GLN A 484 -24.54 4.57 17.38
CA GLN A 484 -24.25 3.45 18.29
C GLN A 484 -23.28 3.85 19.39
N THR A 485 -23.71 3.86 20.64
CA THR A 485 -22.83 4.17 21.76
C THR A 485 -23.51 3.73 23.04
N PRO A 486 -22.74 3.37 24.11
CA PRO A 486 -23.54 2.97 25.28
C PRO A 486 -24.51 4.05 25.68
N ILE A 487 -25.72 3.69 26.08
CA ILE A 487 -26.73 4.68 26.41
C ILE A 487 -26.11 5.47 27.54
N ALA A 488 -26.37 6.77 27.62
CA ALA A 488 -25.88 7.57 28.74
C ALA A 488 -24.42 7.94 28.77
N ASN A 489 -23.75 8.02 27.62
CA ASN A 489 -22.36 8.47 27.61
C ASN A 489 -22.38 9.97 27.59
N SER A 490 -22.14 10.61 28.73
CA SER A 490 -22.06 12.06 28.80
C SER A 490 -21.47 12.48 30.09
N VAL A 491 -21.06 13.73 30.20
CA VAL A 491 -20.61 14.20 31.47
C VAL A 491 -21.79 14.10 32.41
N THR A 492 -21.61 13.69 33.66
CA THR A 492 -22.71 13.52 34.60
C THR A 492 -23.30 14.85 34.97
N VAL A 493 -24.39 14.83 35.72
CA VAL A 493 -25.10 16.06 36.08
C VAL A 493 -25.40 16.16 37.56
N ASN B 35 -26.12 -4.50 29.72
CA ASN B 35 -26.52 -3.22 29.15
C ASN B 35 -26.83 -3.35 27.66
N VAL B 36 -27.15 -2.24 26.99
CA VAL B 36 -27.52 -2.26 25.59
C VAL B 36 -27.18 -0.92 24.98
N THR B 37 -27.27 -0.80 23.66
CA THR B 37 -26.88 0.40 22.94
C THR B 37 -27.94 0.87 21.97
N ILE B 38 -27.68 1.97 21.28
CA ILE B 38 -28.65 2.63 20.42
C ILE B 38 -28.78 1.99 19.03
N ASN B 39 -29.88 2.21 18.31
CA ASN B 39 -30.00 1.71 16.92
C ASN B 39 -30.65 2.76 15.97
N PRO B 40 -30.29 2.83 14.66
CA PRO B 40 -30.82 3.82 13.69
C PRO B 40 -32.11 3.52 12.89
N GLY B 41 -32.68 4.50 12.17
CA GLY B 41 -33.92 4.33 11.38
C GLY B 41 -33.76 4.08 9.87
N PRO B 42 -34.54 4.73 8.94
CA PRO B 42 -34.49 4.42 7.49
C PRO B 42 -33.20 4.79 6.80
N PHE B 43 -32.79 4.10 5.72
CA PHE B 43 -31.48 4.32 5.12
C PHE B 43 -31.61 4.54 3.64
N ALA B 44 -30.54 4.98 2.98
CA ALA B 44 -30.54 5.27 1.56
C ALA B 44 -30.21 4.10 0.68
N GLN B 45 -30.28 4.26 -0.63
CA GLN B 45 -29.96 3.20 -1.57
C GLN B 45 -28.79 3.65 -2.43
N THR B 46 -27.67 2.93 -2.35
CA THR B 46 -26.47 3.29 -3.08
C THR B 46 -25.95 2.06 -3.78
N GLY B 47 -25.17 2.26 -4.83
CA GLY B 47 -24.69 1.16 -5.65
C GLY B 47 -23.43 1.49 -6.39
N TYR B 48 -22.92 0.52 -7.13
CA TYR B 48 -21.70 0.72 -7.86
C TYR B 48 -21.89 1.75 -8.93
N ALA B 49 -20.79 2.35 -9.38
CA ALA B 49 -20.85 3.24 -10.52
C ALA B 49 -20.63 2.40 -11.77
N PRO B 50 -21.15 2.84 -12.91
CA PRO B 50 -21.05 1.99 -14.09
C PRO B 50 -19.60 1.80 -14.51
N VAL B 51 -19.18 0.57 -14.76
CA VAL B 51 -17.80 0.26 -15.16
C VAL B 51 -17.82 -0.72 -16.30
N ASN B 52 -16.84 -0.67 -17.18
CA ASN B 52 -16.77 -1.57 -18.32
C ASN B 52 -15.39 -2.21 -18.38
N TRP B 53 -15.33 -3.52 -18.57
CA TRP B 53 -14.07 -4.21 -18.55
C TRP B 53 -13.26 -3.90 -19.78
N GLY B 54 -11.94 -3.93 -19.68
CA GLY B 54 -11.04 -3.56 -20.78
C GLY B 54 -9.67 -4.20 -20.53
N PRO B 55 -8.75 -4.14 -21.48
CA PRO B 55 -7.47 -4.81 -21.32
C PRO B 55 -6.51 -3.96 -20.54
N GLY B 56 -5.41 -4.53 -20.06
CA GLY B 56 -4.43 -3.78 -19.30
C GLY B 56 -3.54 -2.84 -20.07
N GLU B 57 -2.90 -1.87 -19.45
CA GLU B 57 -1.91 -1.04 -20.14
C GLU B 57 -0.76 -1.97 -20.47
N ILE B 58 -0.16 -1.89 -21.66
CA ILE B 58 0.87 -2.85 -22.06
C ILE B 58 2.22 -2.24 -22.39
N ASN B 59 3.32 -2.84 -21.91
CA ASN B 59 4.65 -2.36 -22.23
C ASN B 59 4.88 -2.44 -23.71
N ASP B 60 5.49 -1.41 -24.27
CA ASP B 60 5.68 -1.32 -25.71
C ASP B 60 6.91 -0.52 -26.08
N SER B 61 7.42 -0.67 -27.30
CA SER B 61 8.52 0.14 -27.79
C SER B 61 8.39 0.14 -29.31
N THR B 62 8.82 1.20 -29.98
CA THR B 62 8.71 1.30 -31.42
C THR B 62 10.10 1.61 -31.94
N THR B 63 10.46 1.08 -33.11
CA THR B 63 11.81 1.23 -33.65
C THR B 63 11.91 1.98 -34.95
N VAL B 64 13.01 2.69 -35.16
CA VAL B 64 13.18 3.49 -36.36
C VAL B 64 14.36 3.04 -37.18
N GLU B 65 14.15 2.84 -38.47
CA GLU B 65 15.22 2.44 -39.38
C GLU B 65 16.10 3.63 -39.72
N PRO B 66 17.39 3.42 -39.94
CA PRO B 66 18.22 4.55 -40.39
C PRO B 66 18.02 4.92 -41.83
N LEU B 67 18.48 6.09 -42.24
CA LEU B 67 18.24 6.57 -43.59
C LEU B 67 18.85 5.73 -44.72
N LEU B 68 20.07 5.21 -44.56
CA LEU B 68 20.75 4.45 -45.63
C LEU B 68 21.50 3.24 -45.08
N ASP B 69 22.00 2.36 -45.94
CA ASP B 69 22.68 1.15 -45.48
C ASP B 69 24.17 1.33 -45.20
N GLN B 252 -5.72 27.92 -3.76
CA GLN B 252 -7.11 28.05 -3.39
C GLN B 252 -7.32 27.39 -2.06
N VAL B 253 -8.52 27.48 -1.51
CA VAL B 253 -8.82 26.89 -0.20
C VAL B 253 -8.92 25.37 -0.20
N ASN B 254 -8.80 24.75 0.98
CA ASN B 254 -8.92 23.31 1.08
C ASN B 254 -10.28 22.94 1.70
N GLU B 255 -11.11 22.15 1.01
CA GLU B 255 -12.50 21.87 1.49
C GLU B 255 -13.12 20.49 1.28
N ASP B 256 -14.18 20.16 2.02
CA ASP B 256 -14.85 18.86 1.90
C ASP B 256 -16.36 19.02 1.77
N ILE B 257 -17.05 18.05 1.18
CA ILE B 257 -18.52 18.09 1.06
C ILE B 257 -19.08 16.67 1.15
N VAL B 258 -20.36 16.49 1.41
CA VAL B 258 -20.91 15.11 1.38
C VAL B 258 -21.91 14.85 0.27
N ILE B 259 -21.53 14.01 -0.69
CA ILE B 259 -22.41 13.68 -1.81
C ILE B 259 -23.64 12.82 -1.49
N SER B 260 -23.51 11.79 -0.66
CA SER B 260 -24.65 10.92 -0.42
C SER B 260 -24.78 10.50 1.03
N LYS B 261 -25.96 10.11 1.47
CA LYS B 261 -26.19 9.78 2.90
C LYS B 261 -25.82 8.37 3.29
N THR B 262 -26.04 7.97 4.55
CA THR B 262 -25.60 6.66 5.01
C THR B 262 -26.25 5.56 4.28
N SER B 263 -25.52 4.49 3.97
CA SER B 263 -26.02 3.38 3.19
C SER B 263 -25.83 2.05 3.83
N LEU B 264 -26.12 0.97 3.13
CA LEU B 264 -26.01 -0.37 3.67
C LEU B 264 -25.16 -1.26 2.78
N TRP B 265 -24.28 -2.06 3.36
CA TRP B 265 -23.43 -2.95 2.58
C TRP B 265 -23.09 -4.17 3.42
N LYS B 266 -22.38 -5.15 2.89
CA LYS B 266 -21.97 -6.37 3.57
C LYS B 266 -20.77 -6.96 2.86
N GLU B 267 -20.21 -8.04 3.40
CA GLU B 267 -19.06 -8.70 2.78
C GLU B 267 -19.29 -10.17 2.52
N MET B 268 -19.66 -10.55 1.29
CA MET B 268 -19.93 -11.93 0.93
C MET B 268 -18.85 -12.45 0.03
N GLN B 269 -18.11 -13.45 0.50
CA GLN B 269 -17.05 -14.07 -0.28
C GLN B 269 -17.63 -14.90 -1.37
N TYR B 270 -16.95 -15.03 -2.49
CA TYR B 270 -17.37 -15.89 -3.57
C TYR B 270 -16.24 -16.84 -3.86
N ASN B 271 -16.57 -17.98 -4.47
CA ASN B 271 -15.57 -18.95 -4.88
C ASN B 271 -15.97 -19.43 -6.28
N ARG B 272 -15.02 -19.50 -7.19
CA ARG B 272 -15.33 -19.86 -8.55
C ARG B 272 -14.29 -20.79 -9.13
N ASP B 273 -14.65 -21.53 -10.18
CA ASP B 273 -13.74 -22.47 -10.85
C ASP B 273 -13.44 -21.90 -12.19
N ILE B 274 -12.16 -21.66 -12.47
CA ILE B 274 -11.73 -20.96 -13.68
C ILE B 274 -10.92 -21.78 -14.62
N THR B 275 -10.98 -21.48 -15.91
CA THR B 275 -10.12 -22.13 -16.88
C THR B 275 -9.78 -20.95 -17.79
N ILE B 276 -8.50 -20.60 -18.01
CA ILE B 276 -8.10 -19.41 -18.78
C ILE B 276 -7.36 -19.91 -19.98
N ARG B 277 -7.68 -19.41 -21.16
CA ARG B 277 -6.96 -19.79 -22.38
C ARG B 277 -6.16 -18.61 -22.98
N PHE B 278 -4.84 -18.74 -23.25
CA PHE B 278 -4.00 -17.63 -23.73
C PHE B 278 -3.26 -17.95 -25.01
N LYS B 279 -2.74 -16.96 -25.70
CA LYS B 279 -1.95 -17.17 -26.92
C LYS B 279 -0.92 -16.07 -27.10
N PHE B 280 0.30 -16.40 -27.49
CA PHE B 280 1.31 -15.38 -27.78
C PHE B 280 1.21 -14.93 -29.22
N ALA B 281 2.07 -14.01 -29.60
CA ALA B 281 2.18 -13.64 -31.02
C ALA B 281 3.44 -12.83 -31.24
N ASN B 282 3.91 -12.71 -32.49
CA ASN B 282 5.18 -12.05 -32.79
C ASN B 282 5.18 -11.12 -33.97
N THR B 283 6.25 -10.37 -34.17
CA THR B 283 6.41 -9.42 -35.29
C THR B 283 7.70 -9.75 -35.94
N ILE B 284 7.89 -9.41 -37.20
CA ILE B 284 9.17 -9.61 -37.87
C ILE B 284 9.31 -8.51 -38.87
N ILE B 285 10.43 -7.81 -38.91
CA ILE B 285 10.61 -6.68 -39.78
C ILE B 285 11.94 -6.89 -40.42
N LYS B 286 12.11 -6.58 -41.70
CA LYS B 286 13.41 -6.71 -42.41
C LYS B 286 13.80 -5.36 -43.03
N SER B 287 15.09 -5.02 -43.07
CA SER B 287 15.50 -3.74 -43.62
C SER B 287 15.59 -3.79 -45.11
N GLY B 288 15.72 -2.64 -45.74
CA GLY B 288 15.71 -2.55 -47.19
C GLY B 288 16.74 -3.12 -48.13
N GLY B 289 18.02 -3.08 -47.81
CA GLY B 289 19.03 -3.49 -48.76
C GLY B 289 19.57 -4.88 -48.92
N LEU B 290 19.23 -5.56 -50.01
CA LEU B 290 19.82 -6.85 -50.33
C LEU B 290 19.53 -7.94 -49.35
N GLY B 291 18.61 -7.77 -48.45
CA GLY B 291 18.23 -8.84 -47.58
C GLY B 291 19.35 -9.23 -46.67
N TYR B 292 19.26 -10.40 -46.06
CA TYR B 292 20.30 -10.92 -45.21
C TYR B 292 20.46 -10.15 -43.92
N LYS B 293 19.60 -9.20 -43.59
CA LYS B 293 19.77 -8.32 -42.42
C LYS B 293 18.49 -8.05 -41.67
N TRP B 294 18.12 -8.93 -40.76
CA TRP B 294 16.83 -8.82 -40.08
C TRP B 294 17.00 -7.94 -38.86
N SER B 295 16.28 -6.83 -38.74
CA SER B 295 16.41 -5.91 -37.63
C SER B 295 15.69 -6.33 -36.38
N GLU B 296 14.44 -6.76 -36.49
CA GLU B 296 13.64 -7.03 -35.31
C GLU B 296 12.81 -8.26 -35.34
N ILE B 297 12.94 -9.11 -34.31
CA ILE B 297 12.02 -10.22 -34.03
C ILE B 297 11.58 -9.94 -32.59
N SER B 298 10.30 -9.79 -32.34
CA SER B 298 9.83 -9.44 -31.02
C SER B 298 8.49 -10.02 -30.71
N PHE B 299 8.16 -10.02 -29.44
CA PHE B 299 6.89 -10.51 -29.00
C PHE B 299 5.84 -9.45 -29.26
N LYS B 300 4.58 -9.78 -29.06
CA LYS B 300 3.49 -8.82 -29.21
C LYS B 300 2.30 -9.38 -28.45
N PRO B 301 1.46 -8.52 -27.89
CA PRO B 301 0.27 -9.03 -27.21
C PRO B 301 -0.80 -9.53 -28.14
N ALA B 302 -1.63 -10.45 -27.68
CA ALA B 302 -2.67 -11.05 -28.49
C ALA B 302 -3.94 -11.19 -27.71
N ASN B 303 -5.01 -11.62 -28.38
CA ASN B 303 -6.32 -11.74 -27.77
C ASN B 303 -7.00 -13.04 -28.17
N TYR B 304 -7.92 -13.54 -27.35
CA TYR B 304 -8.66 -14.77 -27.67
C TYR B 304 -10.06 -14.68 -27.07
N GLN B 305 -11.06 -15.44 -27.55
CA GLN B 305 -12.43 -15.47 -26.97
C GLN B 305 -12.94 -16.91 -26.88
N TYR B 306 -13.54 -17.32 -25.77
CA TYR B 306 -13.94 -18.72 -25.62
C TYR B 306 -15.10 -18.96 -24.66
N THR B 307 -15.79 -20.09 -24.76
CA THR B 307 -16.86 -20.43 -23.82
C THR B 307 -16.55 -21.72 -23.08
N TYR B 308 -16.45 -21.67 -21.76
CA TYR B 308 -16.09 -22.84 -20.95
C TYR B 308 -17.21 -23.22 -20.01
N THR B 309 -17.60 -24.49 -19.92
CA THR B 309 -18.75 -24.87 -19.11
C THR B 309 -18.48 -25.01 -17.63
N ARG B 310 -19.11 -24.17 -16.80
CA ARG B 310 -18.96 -24.24 -15.34
C ARG B 310 -20.30 -24.47 -14.65
N ASP B 311 -20.46 -25.58 -13.96
CA ASP B 311 -21.66 -25.83 -13.20
C ASP B 311 -22.87 -25.68 -14.06
N GLY B 312 -22.78 -26.07 -15.32
CA GLY B 312 -23.95 -26.05 -16.17
C GLY B 312 -24.44 -24.73 -16.76
N GLU B 313 -23.67 -23.65 -16.64
CA GLU B 313 -24.04 -22.35 -17.21
C GLU B 313 -22.86 -21.79 -18.01
N GLU B 314 -22.95 -21.75 -19.33
CA GLU B 314 -21.80 -21.31 -20.10
C GLU B 314 -21.37 -19.89 -19.79
N VAL B 315 -20.08 -19.61 -19.74
CA VAL B 315 -19.57 -18.27 -19.50
C VAL B 315 -18.60 -17.87 -20.59
N THR B 316 -18.86 -16.79 -21.32
CA THR B 316 -17.93 -16.25 -22.34
C THR B 316 -16.83 -15.54 -21.63
N ALA B 317 -15.62 -15.51 -22.19
CA ALA B 317 -14.46 -14.91 -21.54
C ALA B 317 -13.66 -14.34 -22.63
N HIS B 318 -12.70 -13.46 -22.34
CA HIS B 318 -11.77 -12.90 -23.31
C HIS B 318 -10.42 -12.95 -22.58
N THR B 319 -9.27 -13.14 -23.24
CA THR B 319 -7.96 -13.12 -22.58
C THR B 319 -6.95 -12.32 -23.38
N THR B 320 -5.99 -11.65 -22.73
CA THR B 320 -4.94 -10.86 -23.39
C THR B 320 -3.59 -11.11 -22.74
N CYS B 321 -2.60 -11.53 -23.51
CA CYS B 321 -1.29 -11.86 -22.99
C CYS B 321 -0.25 -10.84 -23.32
N SER B 322 0.56 -10.43 -22.33
CA SER B 322 1.67 -9.51 -22.52
C SER B 322 2.87 -10.05 -21.79
N VAL B 323 4.05 -9.48 -22.04
CA VAL B 323 5.28 -9.92 -21.40
C VAL B 323 6.03 -8.73 -20.84
N ASN B 324 6.97 -8.99 -19.96
CA ASN B 324 7.76 -7.92 -19.37
C ASN B 324 9.05 -8.56 -18.91
N GLY B 325 10.10 -7.78 -18.67
CA GLY B 325 11.39 -8.30 -18.29
C GLY B 325 12.07 -9.16 -19.31
N VAL B 326 11.99 -8.80 -20.58
CA VAL B 326 12.56 -9.62 -21.62
C VAL B 326 14.08 -9.57 -21.61
N ASN B 327 14.70 -10.52 -22.31
CA ASN B 327 16.13 -10.51 -22.53
C ASN B 327 16.36 -10.45 -24.04
N ASP B 328 17.35 -9.68 -24.47
CA ASP B 328 17.66 -9.52 -25.89
C ASP B 328 18.93 -10.23 -26.26
N PHE B 329 19.12 -10.47 -27.55
CA PHE B 329 20.33 -11.12 -28.05
C PHE B 329 20.67 -10.54 -29.41
N SER B 330 21.80 -10.96 -29.97
CA SER B 330 22.20 -10.50 -31.28
C SER B 330 23.22 -11.41 -31.89
N PHE B 331 23.34 -11.39 -33.21
CA PHE B 331 24.35 -12.18 -33.93
C PHE B 331 24.77 -11.44 -35.21
N ASN B 332 26.02 -10.94 -35.30
CA ASN B 332 26.53 -10.25 -36.50
C ASN B 332 27.47 -11.20 -37.23
N GLY B 333 26.92 -11.91 -38.21
CA GLY B 333 27.73 -12.85 -38.98
C GLY B 333 28.93 -12.20 -39.60
N GLY B 334 28.81 -10.92 -39.92
CA GLY B 334 29.91 -10.20 -40.52
C GLY B 334 29.54 -8.77 -40.79
N SER B 335 30.46 -8.05 -41.40
CA SER B 335 30.24 -6.67 -41.74
C SER B 335 30.03 -6.42 -43.23
N LEU B 336 30.20 -7.42 -44.08
CA LEU B 336 30.02 -7.21 -45.50
C LEU B 336 28.53 -7.03 -45.80
N PRO B 337 28.19 -6.39 -46.93
CA PRO B 337 26.79 -6.23 -47.31
C PRO B 337 26.12 -7.56 -47.71
N THR B 338 26.84 -8.69 -47.66
CA THR B 338 26.24 -10.01 -47.83
C THR B 338 26.61 -10.88 -46.64
N ASP B 339 25.77 -10.91 -45.62
CA ASP B 339 26.00 -11.74 -44.45
C ASP B 339 24.80 -11.73 -43.56
N PHE B 340 24.79 -12.57 -42.51
CA PHE B 340 23.60 -12.74 -41.66
C PHE B 340 23.61 -11.83 -40.43
N VAL B 341 22.94 -10.66 -40.51
CA VAL B 341 22.89 -9.69 -39.42
C VAL B 341 21.55 -9.75 -38.73
N VAL B 342 21.53 -10.16 -37.45
CA VAL B 342 20.31 -10.18 -36.65
C VAL B 342 20.53 -9.32 -35.44
N SER B 343 19.73 -8.25 -35.31
CA SER B 343 19.95 -7.30 -34.24
C SER B 343 19.26 -7.67 -32.95
N LYS B 344 17.94 -7.84 -32.98
CA LYS B 344 17.18 -8.11 -31.77
C LYS B 344 16.20 -9.24 -31.97
N PHE B 345 16.34 -10.35 -31.22
CA PHE B 345 15.38 -11.48 -31.23
C PHE B 345 15.26 -11.76 -29.75
N GLU B 346 14.09 -11.68 -29.16
CA GLU B 346 13.95 -11.75 -27.72
C GLU B 346 13.74 -13.08 -27.09
N VAL B 347 13.97 -13.20 -25.79
CA VAL B 347 13.77 -14.43 -25.03
C VAL B 347 13.24 -14.13 -23.64
N ILE B 348 12.85 -15.16 -22.90
CA ILE B 348 12.38 -15.01 -21.52
C ILE B 348 13.03 -16.19 -20.74
N LYS B 349 13.83 -15.93 -19.69
CA LYS B 349 14.48 -16.98 -18.92
C LYS B 349 14.80 -16.57 -17.50
N GLU B 350 13.91 -16.77 -16.53
CA GLU B 350 14.16 -16.54 -15.10
C GLU B 350 14.20 -15.08 -14.72
N ASN B 351 14.16 -14.18 -15.69
CA ASN B 351 14.22 -12.73 -15.45
C ASN B 351 13.08 -12.05 -16.16
N SER B 352 12.07 -12.82 -16.52
CA SER B 352 10.93 -12.31 -17.27
C SER B 352 9.66 -12.74 -16.59
N TYR B 353 8.61 -11.95 -16.75
CA TYR B 353 7.30 -12.32 -16.26
C TYR B 353 6.34 -12.24 -17.43
N VAL B 354 5.29 -13.05 -17.36
CA VAL B 354 4.27 -13.10 -18.40
C VAL B 354 2.96 -12.73 -17.75
N TYR B 355 2.33 -11.67 -18.24
CA TYR B 355 1.12 -11.14 -17.65
C TYR B 355 -0.08 -11.54 -18.48
N ILE B 356 -1.17 -11.90 -17.81
CA ILE B 356 -2.41 -12.28 -18.47
C ILE B 356 -3.56 -11.44 -17.93
N ASP B 357 -4.41 -10.91 -18.80
CA ASP B 357 -5.56 -10.18 -18.36
C ASP B 357 -6.76 -10.99 -18.72
N TYR B 358 -7.78 -11.03 -17.87
CA TYR B 358 -8.97 -11.87 -18.05
C TYR B 358 -10.29 -11.20 -17.76
N TRP B 359 -11.26 -11.25 -18.67
CA TRP B 359 -12.59 -10.69 -18.50
C TRP B 359 -13.59 -11.82 -18.31
N ASP B 360 -14.89 -11.47 -18.24
CA ASP B 360 -15.96 -12.45 -18.15
C ASP B 360 -17.30 -11.82 -18.40
N ASP B 361 -18.35 -12.64 -18.40
CA ASP B 361 -19.72 -12.18 -18.49
C ASP B 361 -20.45 -12.59 -17.22
N SER B 362 -19.87 -13.46 -16.38
CA SER B 362 -20.52 -13.99 -15.18
C SER B 362 -20.67 -13.06 -14.02
N GLN B 363 -21.51 -13.44 -13.07
CA GLN B 363 -21.80 -12.56 -11.92
C GLN B 363 -20.62 -12.23 -11.05
N ALA B 364 -19.71 -13.15 -10.86
CA ALA B 364 -18.63 -12.90 -9.96
C ALA B 364 -17.92 -11.71 -10.45
N PHE B 365 -17.70 -11.64 -11.75
CA PHE B 365 -16.94 -10.52 -12.33
C PHE B 365 -17.78 -9.25 -12.41
N ARG B 366 -19.05 -9.30 -12.07
CA ARG B 366 -19.86 -8.11 -12.04
C ARG B 366 -19.60 -7.36 -10.77
N ASN B 367 -19.38 -8.07 -9.67
CA ASN B 367 -19.22 -7.46 -8.34
C ASN B 367 -17.80 -7.51 -7.87
N VAL B 368 -16.84 -7.65 -8.78
CA VAL B 368 -15.41 -7.74 -8.40
C VAL B 368 -14.84 -6.36 -8.17
N VAL B 369 -15.58 -5.30 -8.35
CA VAL B 369 -15.08 -3.98 -7.96
C VAL B 369 -15.11 -3.85 -6.45
N TYR B 370 -14.42 -2.89 -5.82
CA TYR B 370 -14.34 -2.78 -4.35
C TYR B 370 -13.93 -4.09 -3.69
N VAL B 371 -12.74 -4.61 -3.98
CA VAL B 371 -12.29 -5.89 -3.44
C VAL B 371 -11.59 -5.75 -2.10
N ARG B 372 -11.71 -6.72 -1.21
CA ARG B 372 -11.00 -6.73 0.09
C ARG B 372 -9.85 -7.71 -0.02
N SER B 373 -10.07 -8.92 -0.56
CA SER B 373 -8.96 -9.86 -0.84
C SER B 373 -9.25 -10.75 -2.00
N LEU B 374 -8.27 -11.02 -2.85
CA LEU B 374 -8.44 -11.86 -4.04
C LEU B 374 -7.23 -12.77 -4.15
N ALA B 375 -7.46 -14.05 -4.20
CA ALA B 375 -6.39 -15.04 -4.28
C ALA B 375 -6.84 -16.17 -5.14
N ALA B 376 -5.89 -16.97 -5.59
CA ALA B 376 -6.19 -18.07 -6.45
C ALA B 376 -5.11 -19.10 -6.43
N ASN B 377 -5.48 -20.34 -6.70
CA ASN B 377 -4.56 -21.44 -6.71
C ASN B 377 -4.77 -22.12 -8.05
N LEU B 378 -3.95 -21.77 -9.03
CA LEU B 378 -4.03 -22.35 -10.36
C LEU B 378 -2.88 -23.33 -10.54
N ASN B 379 -2.96 -24.26 -11.49
CA ASN B 379 -1.90 -25.25 -11.79
C ASN B 379 -0.83 -24.66 -12.71
N SER B 380 0.27 -25.36 -13.00
CA SER B 380 1.27 -24.89 -13.97
C SER B 380 1.12 -25.51 -15.36
N VAL B 381 1.71 -24.89 -16.41
CA VAL B 381 1.69 -25.45 -17.79
C VAL B 381 3.10 -25.27 -18.34
N MET B 382 3.64 -26.23 -19.08
CA MET B 382 4.97 -26.12 -19.69
C MET B 382 4.75 -25.75 -21.14
N CYS B 383 5.48 -24.75 -21.67
CA CYS B 383 5.36 -24.31 -23.06
C CYS B 383 6.64 -24.51 -23.82
N THR B 384 6.53 -24.91 -25.08
CA THR B 384 7.66 -25.19 -25.95
C THR B 384 7.64 -24.30 -27.15
N GLY B 385 8.73 -24.29 -27.88
CA GLY B 385 8.84 -23.44 -29.06
C GLY B 385 8.64 -24.11 -30.37
N GLY B 386 8.78 -23.32 -31.44
CA GLY B 386 8.72 -23.85 -32.80
C GLY B 386 9.96 -23.48 -33.57
N SER B 387 9.85 -23.54 -34.91
CA SER B 387 10.97 -23.19 -35.76
C SER B 387 10.60 -22.18 -36.81
N TYR B 388 11.51 -21.21 -37.08
CA TYR B 388 11.31 -20.19 -38.12
C TYR B 388 12.47 -20.22 -39.09
N ASN B 389 12.18 -20.34 -40.38
CA ASN B 389 13.21 -20.45 -41.40
C ASN B 389 13.66 -19.06 -41.82
N PHE B 390 14.94 -18.75 -41.64
CA PHE B 390 15.49 -17.50 -42.13
C PHE B 390 15.80 -17.71 -43.59
N SER B 391 14.76 -17.75 -44.43
CA SER B 391 14.95 -18.08 -45.84
C SER B 391 15.54 -16.89 -46.57
N LEU B 392 16.82 -16.96 -46.88
CA LEU B 392 17.52 -15.89 -47.59
C LEU B 392 17.24 -16.00 -49.07
N PRO B 393 17.72 -15.05 -49.85
CA PRO B 393 17.68 -15.20 -51.31
C PRO B 393 18.61 -16.28 -51.82
N VAL B 394 19.73 -16.53 -51.14
CA VAL B 394 20.74 -17.43 -51.65
C VAL B 394 21.32 -18.31 -50.59
N GLY B 395 21.81 -19.48 -50.99
CA GLY B 395 22.50 -20.35 -50.07
C GLY B 395 21.61 -21.18 -49.21
N GLN B 396 22.21 -22.19 -48.57
CA GLN B 396 21.43 -23.01 -47.66
C GLN B 396 21.08 -22.14 -46.48
N TRP B 397 19.79 -21.90 -46.27
CA TRP B 397 19.32 -20.95 -45.27
C TRP B 397 19.17 -21.51 -43.89
N PRO B 398 19.45 -20.67 -42.85
CA PRO B 398 19.44 -21.20 -41.49
C PRO B 398 18.15 -21.34 -40.73
N VAL B 399 18.17 -21.87 -39.51
CA VAL B 399 16.99 -22.23 -38.75
C VAL B 399 17.14 -21.95 -37.27
N LEU B 400 16.05 -21.54 -36.61
CA LEU B 400 16.05 -21.32 -35.14
C LEU B 400 14.97 -22.25 -34.60
N THR B 401 15.25 -23.09 -33.60
CA THR B 401 14.29 -24.02 -32.99
C THR B 401 14.57 -24.16 -31.51
N GLY B 402 13.57 -24.62 -30.77
CA GLY B 402 13.70 -24.83 -29.34
C GLY B 402 12.85 -23.93 -28.51
N GLY B 403 12.81 -24.19 -27.22
CA GLY B 403 11.96 -23.43 -26.31
C GLY B 403 11.39 -24.26 -25.19
N ALA B 404 11.56 -23.84 -23.94
CA ALA B 404 11.04 -24.56 -22.79
C ALA B 404 10.87 -23.66 -21.59
N VAL B 405 9.65 -23.43 -21.15
CA VAL B 405 9.39 -22.63 -19.96
C VAL B 405 8.26 -23.22 -19.14
N SER B 406 8.32 -23.05 -17.83
CA SER B 406 7.29 -23.51 -16.91
C SER B 406 6.59 -22.30 -16.31
N LEU B 407 5.26 -22.30 -16.29
CA LEU B 407 4.49 -21.17 -15.81
C LEU B 407 3.94 -21.45 -14.42
N HIS B 408 4.43 -20.72 -13.42
CA HIS B 408 3.94 -20.83 -12.06
C HIS B 408 3.20 -19.57 -11.67
N SER B 409 2.44 -19.64 -10.57
CA SER B 409 1.63 -18.51 -10.16
C SER B 409 2.29 -17.57 -9.20
N ALA B 410 1.76 -16.34 -9.11
CA ALA B 410 2.30 -15.31 -8.21
C ALA B 410 1.00 -14.59 -7.92
N GLY B 411 0.99 -13.36 -7.45
CA GLY B 411 -0.27 -12.72 -7.06
C GLY B 411 -1.25 -12.35 -8.16
N VAL B 412 -2.42 -11.81 -7.83
CA VAL B 412 -3.37 -11.33 -8.81
C VAL B 412 -3.22 -9.85 -8.61
N THR B 413 -3.71 -8.99 -9.49
CA THR B 413 -3.64 -7.56 -9.29
C THR B 413 -4.81 -6.92 -9.93
N LEU B 414 -5.40 -5.86 -9.41
CA LEU B 414 -6.58 -5.22 -10.00
C LEU B 414 -6.01 -3.94 -10.46
N SER B 415 -6.58 -3.34 -11.50
CA SER B 415 -6.03 -2.13 -12.07
C SER B 415 -7.14 -1.27 -12.55
N THR B 416 -7.31 -0.07 -12.00
CA THR B 416 -8.42 0.82 -12.34
C THR B 416 -7.91 2.07 -13.03
N GLN B 417 -8.71 2.61 -13.95
CA GLN B 417 -8.36 3.83 -14.66
C GLN B 417 -9.50 4.82 -14.59
N PHE B 418 -9.19 6.09 -14.30
CA PHE B 418 -10.21 7.12 -14.12
C PHE B 418 -10.07 8.21 -15.15
N THR B 419 -11.20 8.72 -15.62
CA THR B 419 -11.19 9.79 -16.60
C THR B 419 -12.58 10.40 -16.67
N ASP B 420 -12.76 11.39 -17.54
CA ASP B 420 -14.04 12.07 -17.62
C ASP B 420 -15.17 11.12 -17.97
N PHE B 421 -14.94 10.21 -18.90
CA PHE B 421 -15.97 9.26 -19.33
C PHE B 421 -16.02 8.10 -18.35
N VAL B 422 -16.66 7.01 -18.74
CA VAL B 422 -16.78 5.86 -17.88
C VAL B 422 -15.43 5.32 -17.52
N SER B 423 -15.32 4.72 -16.34
CA SER B 423 -14.07 4.14 -15.88
C SER B 423 -13.81 2.79 -16.51
N LEU B 424 -12.55 2.34 -16.53
CA LEU B 424 -12.19 1.02 -17.07
C LEU B 424 -11.51 0.27 -15.99
N ASN B 425 -11.51 -1.06 -16.10
CA ASN B 425 -10.95 -1.90 -15.05
C ASN B 425 -10.39 -3.15 -15.71
N SER B 426 -9.29 -3.70 -15.18
CA SER B 426 -8.77 -4.98 -15.68
C SER B 426 -7.93 -5.70 -14.68
N LEU B 427 -7.89 -7.04 -14.73
CA LEU B 427 -7.11 -7.86 -13.83
C LEU B 427 -5.81 -8.28 -14.49
N ARG B 428 -4.81 -8.61 -13.68
CA ARG B 428 -3.54 -9.11 -14.18
C ARG B 428 -3.15 -10.30 -13.34
N PHE B 429 -3.13 -11.48 -13.96
CA PHE B 429 -2.71 -12.69 -13.29
C PHE B 429 -1.22 -12.90 -13.55
N ARG B 430 -0.39 -12.54 -12.60
CA ARG B 430 1.05 -12.68 -12.74
C ARG B 430 1.46 -14.12 -12.75
N PHE B 431 2.49 -14.44 -13.52
CA PHE B 431 3.05 -15.77 -13.53
C PHE B 431 4.56 -15.62 -13.45
N ARG B 432 5.29 -16.61 -12.94
CA ARG B 432 6.75 -16.58 -12.80
C ARG B 432 7.32 -17.78 -13.52
N LEU B 433 8.44 -17.59 -14.22
CA LEU B 433 8.98 -18.63 -15.07
C LEU B 433 10.17 -19.34 -14.51
N ALA B 434 10.27 -20.65 -14.71
CA ALA B 434 11.45 -21.43 -14.36
C ALA B 434 11.85 -22.21 -15.61
N VAL B 435 13.08 -22.10 -16.03
CA VAL B 435 13.53 -22.69 -17.28
C VAL B 435 13.66 -24.18 -17.18
N GLU B 436 13.36 -24.90 -18.27
CA GLU B 436 13.45 -26.34 -18.28
C GLU B 436 13.86 -26.79 -19.65
N GLU B 437 13.93 -28.09 -19.91
CA GLU B 437 14.32 -28.63 -21.22
C GLU B 437 13.16 -28.62 -22.19
N PRO B 438 13.42 -28.76 -23.50
CA PRO B 438 14.70 -28.90 -24.17
C PRO B 438 15.35 -27.59 -24.51
N HIS B 439 16.67 -27.58 -24.70
CA HIS B 439 17.37 -26.37 -25.04
C HIS B 439 17.00 -25.90 -26.42
N PHE B 440 17.50 -24.73 -26.79
CA PHE B 440 17.28 -24.17 -28.11
C PHE B 440 18.59 -23.74 -28.71
N LYS B 441 18.65 -23.69 -30.03
CA LYS B 441 19.89 -23.42 -30.73
C LYS B 441 19.58 -22.77 -32.06
N LEU B 442 20.54 -22.10 -32.67
CA LEU B 442 20.33 -21.45 -33.95
C LEU B 442 21.30 -22.15 -34.79
N THR B 443 20.85 -22.71 -35.90
CA THR B 443 21.75 -23.51 -36.74
C THR B 443 22.63 -22.54 -37.52
N ARG B 444 23.78 -22.97 -38.06
CA ARG B 444 24.62 -22.11 -38.91
C ARG B 444 25.19 -20.87 -38.21
N THR B 445 25.26 -20.85 -36.87
CA THR B 445 25.81 -19.71 -36.11
C THR B 445 26.47 -20.23 -34.85
N ARG B 446 27.21 -19.40 -34.13
CA ARG B 446 27.95 -19.87 -32.97
C ARG B 446 27.23 -19.86 -31.66
N LEU B 447 26.21 -19.06 -31.49
CA LEU B 447 25.45 -19.12 -30.26
C LEU B 447 24.99 -20.55 -30.16
N SER B 448 25.16 -21.26 -29.03
CA SER B 448 24.60 -22.63 -28.92
C SER B 448 24.10 -23.10 -27.59
N ARG B 449 23.04 -23.89 -27.60
CA ARG B 449 22.53 -24.48 -26.39
C ARG B 449 22.22 -23.51 -25.25
N LEU B 450 21.72 -22.32 -25.56
CA LEU B 450 21.29 -21.41 -24.51
C LEU B 450 19.99 -21.99 -23.97
N TYR B 451 19.51 -21.56 -22.80
CA TYR B 451 18.30 -22.14 -22.19
C TYR B 451 17.21 -21.09 -21.98
N GLY B 452 16.06 -21.25 -22.64
CA GLY B 452 14.99 -20.27 -22.54
C GLY B 452 14.03 -20.37 -23.69
N LEU B 453 13.14 -19.40 -23.80
CA LEU B 453 12.17 -19.37 -24.86
C LEU B 453 12.45 -18.28 -25.86
N PRO B 454 12.39 -18.58 -27.16
CA PRO B 454 12.47 -17.52 -28.17
C PRO B 454 11.13 -16.95 -28.50
N ALA B 455 11.05 -16.05 -29.48
CA ALA B 455 9.81 -15.40 -29.83
C ALA B 455 9.39 -15.54 -31.28
N ALA B 456 10.18 -16.24 -32.10
CA ALA B 456 9.76 -16.42 -33.48
C ALA B 456 8.52 -17.29 -33.64
N ASN B 457 8.52 -18.51 -33.12
CA ASN B 457 7.37 -19.42 -33.20
C ASN B 457 7.13 -19.95 -31.79
N PRO B 458 6.53 -19.12 -30.93
CA PRO B 458 6.34 -19.56 -29.56
C PRO B 458 5.36 -20.71 -29.37
N ASN B 459 4.15 -20.58 -29.89
CA ASN B 459 3.16 -21.63 -29.75
C ASN B 459 3.44 -22.67 -30.83
N ASN B 460 3.62 -23.92 -30.44
CA ASN B 460 4.06 -24.96 -31.38
C ASN B 460 2.88 -25.35 -32.23
N GLY B 461 2.45 -24.42 -33.05
CA GLY B 461 1.33 -24.64 -33.92
C GLY B 461 0.08 -25.07 -33.19
N LYS B 462 -0.12 -24.54 -31.98
CA LYS B 462 -1.30 -24.84 -31.19
C LYS B 462 -2.07 -23.56 -30.99
N GLU B 463 -3.39 -23.63 -31.09
CA GLU B 463 -4.21 -22.43 -30.99
C GLU B 463 -4.29 -21.91 -29.58
N TYR B 464 -3.94 -22.71 -28.58
CA TYR B 464 -4.20 -22.33 -27.22
C TYR B 464 -3.54 -23.20 -26.21
N TYR B 465 -3.21 -22.64 -25.04
CA TYR B 465 -2.60 -23.36 -23.93
C TYR B 465 -3.66 -23.13 -22.90
N GLU B 466 -3.85 -23.98 -21.86
CA GLU B 466 -4.91 -23.91 -20.85
C GLU B 466 -4.39 -23.93 -19.44
N ILE B 467 -5.12 -23.37 -18.49
CA ILE B 467 -4.77 -23.44 -17.08
C ILE B 467 -6.14 -23.72 -16.40
N ALA B 468 -6.17 -24.27 -15.19
CA ALA B 468 -7.42 -24.52 -14.43
C ALA B 468 -7.17 -24.24 -12.99
N GLY B 469 -8.23 -23.98 -12.24
CA GLY B 469 -8.08 -23.79 -10.81
C GLY B 469 -9.28 -23.18 -10.17
N ARG B 470 -9.13 -22.74 -8.93
CA ARG B 470 -10.22 -22.13 -8.22
C ARG B 470 -9.77 -20.88 -7.56
N PHE B 471 -10.55 -19.80 -7.72
CA PHE B 471 -10.22 -18.51 -7.16
C PHE B 471 -11.25 -18.00 -6.18
N SER B 472 -10.83 -17.53 -5.02
CA SER B 472 -11.70 -17.02 -3.98
C SER B 472 -11.77 -15.52 -4.02
N LEU B 473 -12.94 -14.95 -3.86
CA LEU B 473 -13.16 -13.53 -4.02
C LEU B 473 -13.88 -12.95 -2.82
N ILE B 474 -13.68 -11.69 -2.46
CA ILE B 474 -14.43 -11.05 -1.34
C ILE B 474 -14.77 -9.68 -1.90
N SER B 475 -15.87 -9.07 -1.53
CA SER B 475 -16.15 -7.73 -1.98
C SER B 475 -17.25 -7.11 -1.19
N LEU B 476 -17.40 -5.78 -1.22
CA LEU B 476 -18.50 -5.14 -0.55
C LEU B 476 -19.67 -5.03 -1.53
N VAL B 477 -20.83 -5.66 -1.30
CA VAL B 477 -21.97 -5.67 -2.19
C VAL B 477 -23.19 -5.22 -1.42
N PRO B 478 -24.08 -4.44 -2.02
CA PRO B 478 -25.16 -3.86 -1.24
C PRO B 478 -26.19 -4.84 -0.75
N SER B 479 -26.99 -4.42 0.25
CA SER B 479 -28.06 -5.24 0.79
C SER B 479 -29.36 -4.76 0.22
N GLU C 267 -9.65 5.59 77.43
CA GLU C 267 -9.88 6.09 76.08
C GLU C 267 -8.88 7.16 75.67
N MET C 268 -8.47 7.17 74.39
CA MET C 268 -7.46 8.10 73.89
C MET C 268 -7.82 8.57 72.53
N GLN C 269 -7.35 9.77 72.17
CA GLN C 269 -7.76 10.43 70.94
C GLN C 269 -6.59 10.78 70.06
N TYR C 270 -6.70 10.51 68.77
CA TYR C 270 -5.69 10.89 67.78
C TYR C 270 -6.40 11.47 66.58
N ASN C 271 -5.89 12.56 66.03
CA ASN C 271 -6.45 13.17 64.81
C ASN C 271 -5.38 13.97 64.14
N ARG C 272 -4.74 13.40 63.13
CA ARG C 272 -3.61 14.03 62.47
C ARG C 272 -3.82 14.25 61.00
N ASP C 273 -3.03 15.14 60.37
CA ASP C 273 -3.12 15.43 58.94
C ASP C 273 -2.47 14.34 58.12
N ILE C 274 -2.74 14.33 56.82
CA ILE C 274 -2.27 13.27 55.95
C ILE C 274 -2.09 13.69 54.52
N THR C 275 -1.27 12.96 53.77
CA THR C 275 -1.07 13.16 52.33
C THR C 275 -0.95 11.80 51.68
N ILE C 276 -1.76 11.52 50.68
CA ILE C 276 -1.82 10.22 50.06
C ILE C 276 -1.25 10.31 48.65
N ARG C 277 -0.61 9.25 48.17
CA ARG C 277 -0.10 9.17 46.82
C ARG C 277 -0.39 7.80 46.26
N PHE C 278 -0.71 7.71 44.98
CA PHE C 278 -1.00 6.44 44.36
C PHE C 278 -0.86 6.48 42.86
N LYS C 279 -0.84 5.29 42.24
CA LYS C 279 -0.63 5.17 40.80
C LYS C 279 -1.26 3.86 40.36
N PHE C 280 -2.04 3.82 39.30
CA PHE C 280 -2.64 2.60 38.83
C PHE C 280 -1.60 1.75 38.13
N ALA C 281 -1.99 0.55 37.73
CA ALA C 281 -1.14 -0.30 36.90
C ALA C 281 -2.02 -1.12 35.99
N ASN C 282 -1.52 -1.44 34.80
CA ASN C 282 -2.32 -2.08 33.78
C ASN C 282 -1.73 -3.37 33.28
N THR C 283 -2.59 -4.24 32.74
CA THR C 283 -2.18 -5.52 32.20
C THR C 283 -2.60 -5.61 30.74
N ILE C 284 -1.73 -6.17 29.89
CA ILE C 284 -2.01 -6.33 28.48
C ILE C 284 -1.54 -7.70 28.06
N ILE C 285 -2.35 -8.42 27.30
CA ILE C 285 -2.05 -9.79 26.90
C ILE C 285 -2.37 -9.97 25.43
N LYS C 286 -1.45 -10.55 24.68
CA LYS C 286 -1.61 -10.74 23.26
C LYS C 286 -1.92 -12.19 22.94
N SER C 287 -2.50 -12.42 21.76
CA SER C 287 -2.81 -13.77 21.33
C SER C 287 -2.87 -13.87 19.84
N GLY C 288 -2.73 -15.09 19.32
CA GLY C 288 -2.87 -15.36 17.90
C GLY C 288 -1.61 -15.53 17.12
N GLY C 289 -0.50 -14.96 17.56
CA GLY C 289 0.78 -15.16 16.91
C GLY C 289 0.99 -14.40 15.62
N LEU C 290 -0.02 -13.66 15.16
CA LEU C 290 0.12 -12.83 13.95
C LEU C 290 0.40 -11.39 14.28
N GLY C 291 0.06 -10.95 15.48
CA GLY C 291 0.35 -9.58 15.92
C GLY C 291 -0.79 -8.60 15.75
N TYR C 292 -1.94 -9.05 15.26
CA TYR C 292 -3.07 -8.15 15.02
C TYR C 292 -4.18 -8.27 16.01
N LYS C 293 -4.14 -9.22 16.93
CA LYS C 293 -5.26 -9.44 17.84
C LYS C 293 -4.93 -9.46 19.32
N TRP C 294 -5.60 -8.65 20.14
CA TRP C 294 -5.34 -8.55 21.56
C TRP C 294 -6.55 -9.09 22.35
N SER C 295 -6.33 -9.83 23.44
CA SER C 295 -7.43 -10.54 24.16
C SER C 295 -7.90 -9.83 25.42
N GLU C 296 -7.11 -8.96 26.04
CA GLU C 296 -7.58 -8.20 27.22
C GLU C 296 -6.67 -7.05 27.54
N ILE C 297 -7.22 -5.92 27.97
CA ILE C 297 -6.45 -4.75 28.43
C ILE C 297 -7.15 -4.26 29.69
N SER C 298 -6.66 -4.59 30.89
CA SER C 298 -7.39 -4.33 32.15
C SER C 298 -6.56 -3.58 33.18
N PHE C 299 -6.97 -3.57 34.46
CA PHE C 299 -6.26 -2.92 35.58
C PHE C 299 -5.80 -4.00 36.56
N LYS C 300 -4.90 -3.70 37.48
CA LYS C 300 -4.43 -4.61 38.51
C LYS C 300 -3.98 -3.76 39.69
N PRO C 301 -3.91 -4.33 40.88
CA PRO C 301 -3.40 -3.57 42.02
C PRO C 301 -1.95 -3.23 41.89
N ALA C 302 -1.53 -2.15 42.53
CA ALA C 302 -0.14 -1.71 42.50
C ALA C 302 0.24 -1.10 43.83
N ASN C 303 1.51 -0.71 43.96
CA ASN C 303 2.00 -0.15 45.20
C ASN C 303 2.91 1.02 44.98
N TYR C 304 2.99 1.91 45.96
CA TYR C 304 3.92 3.04 45.92
C TYR C 304 4.47 3.28 47.34
N GLN C 305 5.66 3.85 47.48
CA GLN C 305 6.29 4.10 48.79
C GLN C 305 6.91 5.50 48.82
N TYR C 306 6.74 6.31 49.87
CA TYR C 306 7.17 7.71 49.86
C TYR C 306 7.46 8.37 51.19
N THR C 307 8.13 9.52 51.19
CA THR C 307 8.44 10.28 52.41
C THR C 307 7.93 11.71 52.34
N TYR C 308 7.25 12.20 53.36
CA TYR C 308 6.68 13.54 53.38
C TYR C 308 6.81 14.11 54.75
N THR C 309 6.62 15.40 54.93
CA THR C 309 6.84 16.03 56.24
C THR C 309 5.67 16.87 56.75
N ARG C 310 4.62 16.24 57.26
CA ARG C 310 3.43 16.96 57.72
C ARG C 310 3.49 17.86 58.92
N ASP C 311 4.13 17.47 60.00
CA ASP C 311 4.09 18.27 61.25
C ASP C 311 5.46 18.44 61.85
N GLY C 312 6.44 18.66 61.00
CA GLY C 312 7.80 18.83 61.47
C GLY C 312 8.44 17.50 61.71
N GLU C 313 7.76 16.40 61.40
CA GLU C 313 8.32 15.09 61.57
C GLU C 313 8.14 14.29 60.29
N GLU C 314 9.16 13.57 59.88
CA GLU C 314 9.09 12.76 58.67
C GLU C 314 8.24 11.54 58.86
N VAL C 315 7.67 10.99 57.81
CA VAL C 315 6.78 9.87 57.91
C VAL C 315 7.12 9.06 56.68
N THR C 316 7.10 7.72 56.70
CA THR C 316 7.41 6.84 55.56
C THR C 316 6.12 6.13 55.39
N ALA C 317 5.84 5.53 54.24
CA ALA C 317 4.54 4.90 54.01
C ALA C 317 4.40 3.91 52.87
N HIS C 318 3.30 3.18 52.80
CA HIS C 318 3.02 2.30 51.67
C HIS C 318 1.54 2.42 51.32
N THR C 319 1.20 2.31 50.05
CA THR C 319 -0.17 2.44 49.59
C THR C 319 -0.46 1.52 48.42
N THR C 320 -1.72 1.12 48.27
CA THR C 320 -2.16 0.28 47.18
C THR C 320 -3.41 0.84 46.55
N CYS C 321 -3.59 0.66 45.25
CA CYS C 321 -4.74 1.18 44.53
C CYS C 321 -5.46 0.05 43.84
N SER C 322 -6.79 0.08 43.84
CA SER C 322 -7.60 -0.97 43.26
C SER C 322 -8.88 -0.44 42.72
N VAL C 323 -9.59 -1.25 41.95
CA VAL C 323 -10.88 -0.87 41.41
C VAL C 323 -11.86 -2.01 41.40
N ASN C 324 -13.15 -1.70 41.45
CA ASN C 324 -14.19 -2.69 41.28
C ASN C 324 -15.35 -2.01 40.58
N GLY C 325 -16.17 -2.80 39.92
CA GLY C 325 -17.22 -2.23 39.11
C GLY C 325 -16.67 -1.64 37.84
N VAL C 326 -16.00 -2.45 37.04
CA VAL C 326 -15.40 -2.00 35.81
C VAL C 326 -16.32 -2.25 34.64
N ASN C 327 -16.47 -1.26 33.76
CA ASN C 327 -17.22 -1.48 32.54
C ASN C 327 -16.32 -2.08 31.47
N ASP C 328 -16.86 -2.99 30.67
CA ASP C 328 -16.09 -3.71 29.68
C ASP C 328 -16.60 -3.42 28.28
N PHE C 329 -15.77 -2.90 27.39
CA PHE C 329 -16.17 -2.52 26.02
C PHE C 329 -15.45 -3.49 25.14
N SER C 330 -15.71 -3.51 23.84
CA SER C 330 -15.08 -4.46 22.93
C SER C 330 -15.07 -3.95 21.52
N PHE C 331 -14.18 -4.45 20.65
CA PHE C 331 -14.20 -4.09 19.23
C PHE C 331 -13.84 -5.29 18.40
N ASN C 332 -14.82 -5.97 17.79
CA ASN C 332 -14.59 -7.12 16.92
C ASN C 332 -14.79 -6.70 15.49
N GLY C 333 -13.70 -6.39 14.81
CA GLY C 333 -13.76 -6.04 13.40
C GLY C 333 -13.84 -7.34 12.67
N GLY C 334 -13.27 -7.44 11.50
CA GLY C 334 -13.46 -8.64 10.72
C GLY C 334 -12.96 -9.95 11.28
N SER C 335 -13.65 -11.04 11.01
CA SER C 335 -13.20 -12.36 11.41
C SER C 335 -12.01 -12.82 10.56
N LEU C 336 -11.70 -12.16 9.44
CA LEU C 336 -10.60 -12.56 8.55
C LEU C 336 -9.28 -12.48 9.32
N PRO C 337 -8.26 -13.29 8.97
CA PRO C 337 -7.05 -13.34 9.78
C PRO C 337 -6.32 -12.04 9.97
N THR C 338 -6.24 -11.17 9.00
CA THR C 338 -5.65 -9.86 9.20
C THR C 338 -6.71 -8.79 9.47
N ASP C 339 -7.03 -8.49 10.72
CA ASP C 339 -7.98 -7.43 11.07
C ASP C 339 -7.71 -7.05 12.52
N PHE C 340 -8.11 -5.85 12.97
CA PHE C 340 -7.77 -5.42 14.32
C PHE C 340 -8.85 -5.91 15.22
N VAL C 341 -8.54 -6.78 16.17
CA VAL C 341 -9.51 -7.27 17.13
C VAL C 341 -9.00 -7.06 18.54
N VAL C 342 -9.78 -6.46 19.45
CA VAL C 342 -9.41 -6.26 20.87
C VAL C 342 -10.61 -6.76 21.63
N SER C 343 -10.52 -7.97 22.18
CA SER C 343 -11.71 -8.61 22.71
C SER C 343 -12.39 -7.85 23.82
N LYS C 344 -11.63 -7.43 24.83
CA LYS C 344 -12.19 -6.64 25.91
C LYS C 344 -11.21 -5.66 26.45
N PHE C 345 -11.60 -4.40 26.59
CA PHE C 345 -10.79 -3.40 27.26
C PHE C 345 -11.70 -2.67 28.23
N GLU C 346 -11.18 -2.33 29.40
CA GLU C 346 -12.00 -1.79 30.46
C GLU C 346 -12.02 -0.30 30.52
N VAL C 347 -13.12 0.25 31.02
CA VAL C 347 -13.24 1.68 31.26
C VAL C 347 -13.94 1.84 32.60
N ILE C 348 -13.59 2.87 33.39
CA ILE C 348 -14.16 3.09 34.72
C ILE C 348 -15.12 4.30 34.64
N LYS C 349 -16.35 4.08 34.23
CA LYS C 349 -17.36 5.14 34.09
C LYS C 349 -18.01 5.18 35.43
N GLU C 350 -19.14 5.84 35.63
CA GLU C 350 -19.76 6.02 36.96
C GLU C 350 -20.16 4.79 37.78
N ASN C 351 -20.55 3.68 37.16
CA ASN C 351 -20.92 2.45 37.88
C ASN C 351 -19.66 1.77 38.30
N SER C 352 -18.90 2.37 39.21
CA SER C 352 -17.60 1.86 39.65
C SER C 352 -17.29 2.41 41.02
N TYR C 353 -16.17 1.95 41.59
CA TYR C 353 -15.71 2.43 42.88
C TYR C 353 -14.22 2.22 42.95
N VAL C 354 -13.56 2.94 43.84
CA VAL C 354 -12.13 2.86 44.03
C VAL C 354 -11.81 2.64 45.50
N TYR C 355 -10.75 1.89 45.79
CA TYR C 355 -10.32 1.62 47.15
C TYR C 355 -8.85 1.98 47.27
N ILE C 356 -8.43 2.47 48.42
CA ILE C 356 -7.03 2.77 48.69
C ILE C 356 -6.71 2.36 50.13
N ASP C 357 -5.46 2.02 50.41
CA ASP C 357 -5.03 1.60 51.73
C ASP C 357 -3.74 2.33 52.08
N TYR C 358 -3.65 2.87 53.30
CA TYR C 358 -2.49 3.65 53.73
C TYR C 358 -1.88 3.24 55.02
N TRP C 359 -0.60 2.94 55.04
CA TRP C 359 0.10 2.65 56.27
C TRP C 359 1.23 3.64 56.33
N ASP C 360 1.67 3.98 57.53
CA ASP C 360 2.78 4.88 57.74
C ASP C 360 3.52 4.44 58.98
N ASP C 361 4.65 5.06 59.26
CA ASP C 361 5.44 4.77 60.45
C ASP C 361 5.34 5.97 61.36
N SER C 362 4.57 5.84 62.43
CA SER C 362 4.41 6.94 63.37
C SER C 362 3.72 6.42 64.60
N GLN C 363 3.57 7.24 65.63
CA GLN C 363 2.97 6.79 66.88
C GLN C 363 1.58 6.30 66.62
N ALA C 364 0.86 6.94 65.72
CA ALA C 364 -0.42 6.42 65.29
C ALA C 364 -0.19 5.24 64.41
N PHE C 365 -1.19 4.42 64.23
CA PHE C 365 -1.10 3.16 63.45
C PHE C 365 -0.46 2.10 64.29
N ARG C 366 -0.02 2.42 65.51
CA ARG C 366 0.30 1.43 66.50
C ARG C 366 -0.90 1.38 67.46
N ASN C 367 -1.79 2.37 67.43
CA ASN C 367 -2.97 2.41 68.28
C ASN C 367 -4.26 2.36 67.47
N VAL C 368 -4.19 1.89 66.23
CA VAL C 368 -5.34 1.91 65.35
C VAL C 368 -6.31 0.81 65.64
N VAL C 369 -5.82 -0.34 66.04
CA VAL C 369 -6.72 -1.48 66.29
C VAL C 369 -7.57 -1.22 67.51
N TYR C 370 -8.67 -1.91 67.65
CA TYR C 370 -9.60 -1.64 68.73
C TYR C 370 -10.07 -0.20 68.65
N VAL C 371 -10.58 0.19 67.48
CA VAL C 371 -11.03 1.56 67.25
C VAL C 371 -12.50 1.76 67.50
N ARG C 372 -12.96 2.99 67.71
CA ARG C 372 -14.37 3.31 67.96
C ARG C 372 -15.02 4.15 66.88
N SER C 373 -14.42 5.29 66.53
CA SER C 373 -15.01 6.21 65.55
C SER C 373 -13.98 6.57 64.50
N LEU C 374 -14.39 6.82 63.26
CA LEU C 374 -13.40 7.09 62.21
C LEU C 374 -14.05 7.82 61.06
N ALA C 375 -13.47 8.90 60.56
CA ALA C 375 -14.03 9.65 59.47
C ALA C 375 -13.01 10.52 58.80
N ALA C 376 -13.27 11.00 57.60
CA ALA C 376 -12.35 11.90 56.93
C ALA C 376 -12.93 13.06 56.13
N ASN C 377 -12.14 14.09 55.81
CA ASN C 377 -12.59 15.29 55.09
C ASN C 377 -11.68 15.60 53.92
N LEU C 378 -11.41 14.60 53.07
CA LEU C 378 -10.44 14.76 52.00
C LEU C 378 -10.88 15.65 50.87
N ASN C 379 -9.94 16.07 50.03
CA ASN C 379 -10.22 16.87 48.85
C ASN C 379 -10.41 15.99 47.63
N SER C 380 -10.39 16.58 46.44
CA SER C 380 -10.63 15.85 45.19
C SER C 380 -9.51 16.04 44.22
N VAL C 381 -9.46 15.19 43.19
CA VAL C 381 -8.41 15.24 42.16
C VAL C 381 -8.98 14.91 40.82
N MET C 382 -8.14 14.95 39.80
CA MET C 382 -8.55 14.69 38.43
C MET C 382 -7.61 13.71 37.78
N CYS C 383 -8.12 12.56 37.36
CA CYS C 383 -7.33 11.54 36.69
C CYS C 383 -7.60 11.60 35.20
N THR C 384 -6.54 11.68 34.40
CA THR C 384 -6.67 11.79 32.95
C THR C 384 -5.99 10.66 32.25
N GLY C 385 -6.42 10.36 31.03
CA GLY C 385 -5.82 9.31 30.25
C GLY C 385 -4.60 9.72 29.49
N GLY C 386 -3.99 8.76 28.82
CA GLY C 386 -2.82 9.01 28.00
C GLY C 386 -2.86 8.19 26.73
N SER C 387 -1.88 8.38 25.86
CA SER C 387 -1.86 7.69 24.60
C SER C 387 -1.30 6.30 24.70
N TYR C 388 -1.84 5.38 23.91
CA TYR C 388 -1.30 4.02 23.78
C TYR C 388 -1.16 3.73 22.31
N ASN C 389 0.00 3.24 21.89
CA ASN C 389 0.27 3.00 20.47
C ASN C 389 0.37 1.52 20.20
N PHE C 390 -0.61 0.97 19.50
CA PHE C 390 -0.60 -0.41 19.12
C PHE C 390 0.53 -0.68 18.15
N SER C 391 0.83 -1.96 17.95
CA SER C 391 1.93 -2.38 17.07
C SER C 391 1.44 -3.35 16.03
N LEU C 392 1.09 -2.82 14.86
CA LEU C 392 0.67 -3.68 13.77
C LEU C 392 1.88 -3.91 12.84
N PRO C 393 2.00 -5.09 12.25
CA PRO C 393 3.12 -5.31 11.35
C PRO C 393 3.10 -4.35 10.17
N VAL C 394 1.94 -4.15 9.55
CA VAL C 394 1.81 -3.26 8.41
C VAL C 394 0.58 -2.41 8.58
N GLY C 395 0.55 -1.26 7.94
CA GLY C 395 -0.62 -0.44 7.97
C GLY C 395 -0.43 0.63 8.98
N GLN C 396 -1.35 1.59 9.00
CA GLN C 396 -1.27 2.68 9.97
C GLN C 396 -1.50 2.13 11.36
N TRP C 397 -1.07 2.86 12.38
CA TRP C 397 -1.14 2.38 13.74
C TRP C 397 -2.35 2.94 14.46
N PRO C 398 -3.32 2.09 14.82
CA PRO C 398 -4.42 2.58 15.64
C PRO C 398 -3.92 3.06 16.98
N VAL C 399 -4.51 4.12 17.50
CA VAL C 399 -4.07 4.75 18.73
C VAL C 399 -5.25 5.06 19.59
N LEU C 400 -5.13 4.78 20.89
CA LEU C 400 -6.21 5.01 21.86
C LEU C 400 -5.80 6.15 22.76
N THR C 401 -6.57 7.23 22.75
CA THR C 401 -6.17 8.41 23.47
C THR C 401 -7.30 9.11 24.13
N GLY C 402 -7.04 9.65 25.31
CA GLY C 402 -8.04 10.42 26.02
C GLY C 402 -8.62 9.75 27.20
N GLY C 403 -9.60 10.40 27.79
CA GLY C 403 -10.26 9.88 28.97
C GLY C 403 -10.16 10.83 30.13
N ALA C 404 -11.20 10.88 30.95
CA ALA C 404 -11.22 11.78 32.08
C ALA C 404 -12.11 11.23 33.17
N VAL C 405 -11.75 11.44 34.41
CA VAL C 405 -12.55 11.02 35.54
C VAL C 405 -11.98 11.70 36.77
N SER C 406 -12.84 12.00 37.73
CA SER C 406 -12.43 12.69 38.95
C SER C 406 -12.94 11.95 40.15
N LEU C 407 -12.21 11.97 41.25
CA LEU C 407 -12.54 11.19 42.44
C LEU C 407 -13.17 12.08 43.51
N HIS C 408 -13.99 11.54 44.39
CA HIS C 408 -14.67 12.33 45.42
C HIS C 408 -14.72 11.49 46.66
N SER C 409 -14.68 12.04 47.85
CA SER C 409 -14.57 11.22 49.06
C SER C 409 -15.76 10.42 49.46
N ALA C 410 -15.55 9.47 50.35
CA ALA C 410 -16.60 8.60 50.83
C ALA C 410 -16.08 8.05 52.13
N GLY C 411 -16.79 7.14 52.77
CA GLY C 411 -16.40 6.64 54.07
C GLY C 411 -15.18 5.80 54.16
N VAL C 412 -14.61 5.63 55.36
CA VAL C 412 -13.38 4.90 55.57
C VAL C 412 -13.54 3.75 56.56
N THR C 413 -12.76 2.66 56.47
CA THR C 413 -12.82 1.54 57.43
C THR C 413 -11.52 0.76 57.47
N LEU C 414 -11.22 -0.01 58.50
CA LEU C 414 -9.89 -0.69 58.59
C LEU C 414 -9.65 -1.85 57.60
N SER C 415 -8.40 -2.17 57.24
CA SER C 415 -8.05 -3.25 56.29
C SER C 415 -6.57 -3.63 56.45
N THR C 416 -6.06 -4.69 55.80
CA THR C 416 -4.67 -5.10 55.99
C THR C 416 -3.92 -5.09 54.68
N GLN C 417 -2.87 -4.27 54.58
CA GLN C 417 -2.04 -4.17 53.39
C GLN C 417 -0.83 -5.04 53.61
N PHE C 418 -0.75 -6.14 52.88
CA PHE C 418 0.33 -7.12 53.09
C PHE C 418 1.32 -7.17 51.94
N THR C 419 1.43 -6.09 51.20
CA THR C 419 2.33 -6.05 50.04
C THR C 419 3.74 -6.38 50.52
N ASP C 420 4.08 -5.97 51.74
CA ASP C 420 5.35 -6.35 52.30
C ASP C 420 5.24 -7.70 52.98
N PHE C 421 6.38 -8.31 53.30
CA PHE C 421 6.37 -9.63 53.90
C PHE C 421 5.60 -9.62 55.21
N VAL C 422 5.82 -8.60 56.03
CA VAL C 422 5.07 -8.47 57.28
C VAL C 422 3.70 -7.89 57.01
N SER C 423 2.69 -8.33 57.74
CA SER C 423 1.36 -7.78 57.59
C SER C 423 1.22 -6.46 58.31
N LEU C 424 0.43 -5.55 57.77
CA LEU C 424 0.26 -4.27 58.37
C LEU C 424 -1.17 -4.06 58.76
N ASN C 425 -1.43 -3.05 59.58
CA ASN C 425 -2.78 -2.65 59.94
C ASN C 425 -2.98 -1.27 59.38
N SER C 426 -4.02 -1.08 58.57
CA SER C 426 -4.15 0.15 57.83
C SER C 426 -5.56 0.54 57.52
N LEU C 427 -5.77 1.83 57.25
CA LEU C 427 -7.08 2.38 57.00
C LEU C 427 -7.37 2.36 55.53
N ARG C 428 -8.62 2.16 55.13
CA ARG C 428 -9.00 2.08 53.72
C ARG C 428 -9.89 3.22 53.32
N PHE C 429 -9.50 4.06 52.35
CA PHE C 429 -10.29 5.21 52.00
C PHE C 429 -10.99 4.88 50.70
N ARG C 430 -12.31 4.86 50.67
CA ARG C 430 -13.07 4.59 49.45
C ARG C 430 -13.35 5.88 48.70
N PHE C 431 -13.50 5.86 47.37
CA PHE C 431 -13.86 7.04 46.63
C PHE C 431 -14.97 6.77 45.66
N ARG C 432 -15.68 7.81 45.27
CA ARG C 432 -16.72 7.73 44.26
C ARG C 432 -16.25 8.50 43.06
N LEU C 433 -16.77 8.15 41.88
CA LEU C 433 -16.30 8.74 40.65
C LEU C 433 -17.30 9.54 39.84
N ALA C 434 -16.82 10.49 39.07
CA ALA C 434 -17.64 11.32 38.20
C ALA C 434 -16.84 11.67 36.96
N VAL C 435 -17.40 11.44 35.77
CA VAL C 435 -16.68 11.66 34.51
C VAL C 435 -16.58 13.13 34.19
N GLU C 436 -15.78 13.48 33.19
CA GLU C 436 -15.58 14.87 32.81
C GLU C 436 -15.33 14.98 31.32
N GLU C 437 -14.88 16.14 30.86
CA GLU C 437 -14.89 16.42 29.45
C GLU C 437 -14.00 15.63 28.53
N PRO C 438 -12.67 15.60 28.77
CA PRO C 438 -11.83 14.97 27.73
C PRO C 438 -12.30 13.58 27.36
N HIS C 439 -12.63 13.36 26.09
CA HIS C 439 -13.22 12.11 25.64
C HIS C 439 -12.19 11.17 25.09
N PHE C 440 -12.31 9.88 25.38
CA PHE C 440 -11.36 8.89 24.94
C PHE C 440 -11.81 8.32 23.64
N LYS C 441 -10.92 8.16 22.66
CA LYS C 441 -11.28 7.67 21.35
C LYS C 441 -10.26 6.71 20.80
N LEU C 442 -10.69 5.80 19.93
CA LEU C 442 -9.78 4.84 19.31
C LEU C 442 -9.77 5.31 17.89
N THR C 443 -8.62 5.64 17.34
CA THR C 443 -8.54 6.17 15.98
C THR C 443 -8.46 5.03 15.03
N ARG C 444 -8.68 5.26 13.74
CA ARG C 444 -8.63 4.22 12.73
C ARG C 444 -9.70 3.21 12.97
N THR C 445 -10.82 3.66 13.50
CA THR C 445 -11.96 2.79 13.68
C THR C 445 -13.18 3.69 13.74
N ARG C 446 -14.36 3.11 13.68
CA ARG C 446 -15.61 3.86 13.70
C ARG C 446 -15.82 4.59 15.00
N LEU C 447 -15.27 4.09 16.11
CA LEU C 447 -15.57 4.68 17.42
C LEU C 447 -14.96 6.03 17.69
N SER C 448 -15.71 6.96 18.26
CA SER C 448 -15.21 8.28 18.60
C SER C 448 -16.13 8.91 19.63
N ARG C 449 -15.62 9.82 20.41
CA ARG C 449 -16.41 10.48 21.45
C ARG C 449 -17.08 9.52 22.37
N LEU C 450 -16.28 8.75 23.10
CA LEU C 450 -16.76 7.95 24.22
C LEU C 450 -16.18 8.57 25.49
N TYR C 451 -16.91 8.51 26.60
CA TYR C 451 -16.50 9.14 27.84
C TYR C 451 -16.15 8.10 28.88
N GLY C 452 -15.16 8.38 29.70
CA GLY C 452 -14.69 7.45 30.69
C GLY C 452 -13.21 7.53 30.91
N LEU C 453 -12.63 6.47 31.45
CA LEU C 453 -11.18 6.35 31.63
C LEU C 453 -10.78 4.93 31.26
N PRO C 454 -9.93 4.73 30.24
CA PRO C 454 -9.52 3.39 29.91
C PRO C 454 -8.47 2.90 30.86
N ALA C 455 -7.94 1.72 30.60
CA ALA C 455 -6.88 1.20 31.41
C ALA C 455 -5.60 1.16 30.62
N ALA C 456 -5.63 1.59 29.39
CA ALA C 456 -4.44 1.49 28.57
C ALA C 456 -3.29 2.30 29.08
N ASN C 457 -3.50 3.54 29.49
CA ASN C 457 -2.44 4.33 30.08
C ASN C 457 -3.02 5.37 31.00
N PRO C 458 -3.34 5.01 32.25
CA PRO C 458 -4.00 5.99 33.10
C PRO C 458 -3.10 6.99 33.83
N ASN C 459 -1.86 6.66 34.12
CA ASN C 459 -0.93 7.50 34.89
C ASN C 459 -0.50 8.75 34.13
N ASN C 460 -0.36 8.63 32.82
CA ASN C 460 -0.06 9.79 31.99
C ASN C 460 1.26 10.47 32.32
N GLY C 461 2.32 9.69 32.40
CA GLY C 461 3.64 10.29 32.56
C GLY C 461 3.89 10.90 33.91
N LYS C 462 2.98 10.69 34.85
CA LYS C 462 3.15 11.20 36.20
C LYS C 462 3.46 10.03 37.12
N GLU C 463 4.42 10.20 38.00
CA GLU C 463 4.74 9.17 38.96
C GLU C 463 3.54 8.92 39.86
N TYR C 464 2.82 9.96 40.24
CA TYR C 464 1.72 9.83 41.16
C TYR C 464 0.81 11.00 41.18
N TYR C 465 -0.46 10.79 41.56
CA TYR C 465 -1.34 11.90 41.85
C TYR C 465 -1.20 12.22 43.34
N GLU C 466 -1.86 13.27 43.80
CA GLU C 466 -1.72 13.71 45.19
C GLU C 466 -3.03 14.07 45.79
N ILE C 467 -3.22 13.73 47.07
CA ILE C 467 -4.44 14.06 47.82
C ILE C 467 -4.03 14.54 49.20
N ALA C 468 -4.86 15.38 49.82
CA ALA C 468 -4.55 15.96 51.12
C ALA C 468 -5.75 15.95 52.00
N GLY C 469 -5.58 16.26 53.28
CA GLY C 469 -6.66 16.30 54.23
C GLY C 469 -6.26 15.78 55.57
N ARG C 470 -7.24 15.52 56.42
CA ARG C 470 -6.99 14.97 57.74
C ARG C 470 -8.02 13.93 58.09
N PHE C 471 -7.76 13.13 59.12
CA PHE C 471 -8.65 12.07 59.55
C PHE C 471 -8.71 12.10 61.05
N SER C 472 -9.83 11.68 61.65
CA SER C 472 -9.99 11.63 63.11
C SER C 472 -10.36 10.23 63.53
N LEU C 473 -9.59 9.65 64.43
CA LEU C 473 -9.89 8.33 64.96
C LEU C 473 -9.84 8.40 66.48
N ILE C 474 -10.63 7.57 67.17
CA ILE C 474 -10.70 7.55 68.62
C ILE C 474 -10.30 6.13 68.96
N SER C 475 -9.24 5.89 69.73
CA SER C 475 -8.69 4.57 70.00
C SER C 475 -8.67 4.27 71.47
N LEU C 476 -8.44 3.01 71.83
CA LEU C 476 -8.50 2.57 73.23
C LEU C 476 -7.18 2.09 73.85
#